data_4AEF
#
_entry.id   4AEF
#
_cell.length_a   150.065
_cell.length_b   150.065
_cell.length_c   67.856
_cell.angle_alpha   90.00
_cell.angle_beta   90.00
_cell.angle_gamma   90.00
#
_symmetry.space_group_name_H-M   'P 41'
#
loop_
_entity.id
_entity.type
_entity.pdbx_description
1 polymer 'NEOPULLULANASE (ALPHA-AMYLASE II)'
2 water water
#
_entity_poly.entity_id   1
_entity_poly.type   'polypeptide(L)'
_entity_poly.pdbx_seq_one_letter_code
;MYKLVSFRDSEIFGRVAEVEFSLIREGSYAYLLGDFNAFNEGSFRMEQEGKNWKIKIALPEGVWHYAFSIDGKFVLDPDN
PERRVYTRKGYKFHREVNVARIVKSDDLVFHTPSLLYLYEIFGRVHVLLRTQKGVIKGATFLGEKHVPMRKKASDELFDY
FEVIVEGGDKRLNYSFEVLTMEGAKFEYGQFKARPFSIEFPTWVIDRVFYQIMPDKFARSRKIQGIAYPKDKYWGGDLIG
IKEKIDHLVNLGINAIYLTPIFSSLTYHGYDIVDYFHVARRLGGDRAFVDLLSELKRFDIKVILDGVFHHTSFFHPYFQD
VVRKGENSSFKNFYRIIKFPVVSKEFLQILHSKSSWEEKYKKIKSLGWNYESFFSVWIMPRLNHDNPKVREFIKNVILFW
TNKGVDGFRMDVAHGVPPEVWKEVREALPKEKYLIGEVMDDARLWLFDKFHGVMNYRLYDAILRFFGYEEITAEEFLNEL
ELLSSYYGPAEYLMYNFLDNHDVERFLDIVGDKRKYVCALVFLMTYKGIPSLFYGDEIGLRGINLQGMESSRAPMLWNEE
EWDQRILEITKTLVKIRKNNKALLFGNFVPVKFKRKFMVYKREHMGERTIVAINYSNSRVKELGITIPEYSGVIINEDKV
KLIKY
;
_entity_poly.pdbx_strand_id   A,B
#
# COMPACT_ATOMS: atom_id res chain seq x y z
N MET A 1 -5.36 -5.50 32.89
CA MET A 1 -4.51 -6.66 33.33
C MET A 1 -5.03 -7.99 32.80
N TYR A 2 -4.12 -8.91 32.54
CA TYR A 2 -4.49 -10.24 32.07
C TYR A 2 -3.63 -11.25 32.80
N LYS A 3 -4.23 -12.38 33.15
CA LYS A 3 -3.49 -13.42 33.83
C LYS A 3 -3.95 -14.80 33.38
N LEU A 4 -2.98 -15.62 32.99
CA LEU A 4 -3.27 -16.98 32.56
C LEU A 4 -3.56 -17.74 33.85
N VAL A 5 -4.84 -17.98 34.13
CA VAL A 5 -5.24 -18.67 35.35
C VAL A 5 -4.99 -20.17 35.34
N SER A 6 -5.11 -20.80 34.17
CA SER A 6 -4.87 -22.22 34.09
C SER A 6 -4.92 -22.78 32.67
N PHE A 7 -4.80 -24.11 32.57
CA PHE A 7 -4.82 -24.80 31.29
C PHE A 7 -5.81 -25.95 31.35
N ARG A 8 -6.47 -26.22 30.24
CA ARG A 8 -7.43 -27.31 30.18
C ARG A 8 -7.25 -28.01 28.84
N ASP A 9 -7.54 -29.31 28.81
CA ASP A 9 -7.41 -30.08 27.57
C ASP A 9 -8.42 -29.54 26.56
N SER A 10 -8.19 -29.84 25.29
CA SER A 10 -9.07 -29.39 24.23
C SER A 10 -8.95 -30.34 23.06
N GLU A 11 -10.07 -30.92 22.65
CA GLU A 11 -10.05 -31.85 21.54
C GLU A 11 -9.73 -31.13 20.23
N ILE A 12 -9.74 -29.80 20.27
CA ILE A 12 -9.45 -29.00 19.08
C ILE A 12 -8.03 -28.46 19.04
N PHE A 13 -7.65 -27.70 20.06
CA PHE A 13 -6.33 -27.08 20.13
C PHE A 13 -5.31 -27.86 20.96
N GLY A 14 -5.63 -29.09 21.32
CA GLY A 14 -4.71 -29.87 22.15
C GLY A 14 -4.94 -29.38 23.56
N ARG A 15 -4.63 -28.11 23.78
CA ARG A 15 -4.85 -27.48 25.08
C ARG A 15 -5.05 -26.00 24.85
N VAL A 16 -5.78 -25.36 25.75
CA VAL A 16 -6.05 -23.93 25.67
C VAL A 16 -5.78 -23.31 27.03
N ALA A 17 -5.42 -22.02 27.03
CA ALA A 17 -5.16 -21.31 28.25
C ALA A 17 -6.42 -20.54 28.66
N GLU A 18 -6.85 -20.75 29.90
CA GLU A 18 -8.03 -20.05 30.41
C GLU A 18 -7.46 -18.74 30.93
N VAL A 19 -7.62 -17.65 30.19
CA VAL A 19 -7.06 -16.36 30.59
C VAL A 19 -8.08 -15.33 31.09
N GLU A 20 -7.69 -14.63 32.15
CA GLU A 20 -8.53 -13.63 32.79
C GLU A 20 -8.11 -12.21 32.45
N PHE A 21 -9.05 -11.43 31.92
CA PHE A 21 -8.82 -10.03 31.55
C PHE A 21 -9.65 -9.15 32.49
N SER A 22 -9.10 -8.02 32.88
CA SER A 22 -9.83 -7.12 33.78
C SER A 22 -9.22 -5.73 33.84
N LEU A 23 -10.00 -4.76 34.29
CA LEU A 23 -9.54 -3.39 34.45
C LEU A 23 -10.52 -2.62 35.33
N ILE A 24 -10.03 -1.56 35.96
CA ILE A 24 -10.85 -0.74 36.84
C ILE A 24 -12.17 -0.32 36.19
N ARG A 25 -13.26 -0.77 36.77
CA ARG A 25 -14.62 -0.52 36.30
C ARG A 25 -14.98 0.97 36.37
N GLU A 26 -15.19 1.59 35.21
CA GLU A 26 -15.54 3.00 35.15
C GLU A 26 -16.46 3.30 33.96
N GLY A 27 -17.65 2.72 33.96
CA GLY A 27 -18.57 2.97 32.87
C GLY A 27 -19.89 2.23 33.01
N SER A 28 -20.59 2.06 31.90
CA SER A 28 -21.88 1.37 31.91
C SER A 28 -21.79 -0.04 31.32
N TYR A 29 -20.90 -0.22 30.34
CA TYR A 29 -20.71 -1.53 29.72
C TYR A 29 -19.29 -1.63 29.16
N ALA A 30 -18.79 -2.86 29.01
CA ALA A 30 -17.43 -3.06 28.53
C ALA A 30 -17.24 -4.36 27.72
N TYR A 31 -16.29 -4.34 26.80
CA TYR A 31 -16.01 -5.53 25.99
C TYR A 31 -14.53 -5.74 25.79
N LEU A 32 -14.16 -7.01 25.64
CA LEU A 32 -12.79 -7.38 25.38
C LEU A 32 -12.59 -7.33 23.87
N LEU A 33 -11.48 -6.74 23.42
CA LEU A 33 -11.20 -6.65 22.00
C LEU A 33 -9.82 -7.26 21.73
N GLY A 34 -9.68 -7.92 20.59
CA GLY A 34 -8.40 -8.53 20.23
C GLY A 34 -8.43 -9.06 18.81
N ASP A 35 -7.34 -9.65 18.36
CA ASP A 35 -7.31 -10.20 17.01
C ASP A 35 -8.16 -11.45 16.98
N PHE A 36 -8.54 -11.95 18.16
CA PHE A 36 -9.37 -13.14 18.23
C PHE A 36 -10.80 -12.86 17.79
N ASN A 37 -11.17 -11.57 17.73
CA ASN A 37 -12.50 -11.19 17.27
C ASN A 37 -12.45 -9.90 16.45
N ALA A 38 -11.28 -9.64 15.87
CA ALA A 38 -11.06 -8.45 15.05
C ALA A 38 -11.44 -7.14 15.74
N PHE A 39 -11.19 -7.06 17.05
CA PHE A 39 -11.47 -5.85 17.81
C PHE A 39 -12.90 -5.36 17.69
N ASN A 40 -13.86 -6.27 17.81
CA ASN A 40 -15.27 -5.91 17.73
C ASN A 40 -16.02 -6.14 19.04
N GLU A 41 -16.94 -5.23 19.36
CA GLU A 41 -17.75 -5.38 20.55
C GLU A 41 -18.76 -6.47 20.28
N GLY A 42 -19.45 -6.92 21.33
CA GLY A 42 -20.47 -7.92 21.17
C GLY A 42 -20.12 -9.36 21.43
N SER A 43 -18.91 -9.76 21.06
CA SER A 43 -18.48 -11.15 21.22
C SER A 43 -18.06 -11.56 22.63
N PHE A 44 -17.26 -10.72 23.29
CA PHE A 44 -16.80 -11.04 24.63
C PHE A 44 -17.12 -9.92 25.62
N ARG A 45 -18.28 -10.05 26.25
CA ARG A 45 -18.77 -9.06 27.19
C ARG A 45 -18.16 -9.27 28.58
N MET A 46 -17.62 -8.19 29.14
CA MET A 46 -17.03 -8.23 30.48
C MET A 46 -18.12 -7.87 31.48
N GLU A 47 -18.11 -8.52 32.63
CA GLU A 47 -19.10 -8.24 33.67
C GLU A 47 -18.39 -7.67 34.89
N GLN A 48 -19.12 -6.89 35.69
CA GLN A 48 -18.53 -6.31 36.89
C GLN A 48 -18.47 -7.33 38.02
N GLU A 49 -17.30 -7.48 38.61
CA GLU A 49 -17.11 -8.41 39.72
C GLU A 49 -17.44 -7.40 40.82
N GLY A 50 -16.48 -6.55 41.13
CA GLY A 50 -16.65 -5.53 42.15
C GLY A 50 -16.28 -4.10 41.83
N LYS A 51 -14.98 -3.82 41.86
CA LYS A 51 -14.48 -2.47 41.57
C LYS A 51 -13.99 -2.38 40.12
N ASN A 52 -13.95 -3.51 39.43
CA ASN A 52 -13.48 -3.55 38.05
C ASN A 52 -14.13 -4.61 37.14
N TRP A 53 -14.10 -4.35 35.83
CA TRP A 53 -14.67 -5.26 34.83
C TRP A 53 -13.82 -6.51 34.70
N LYS A 54 -14.44 -7.65 34.38
CA LYS A 54 -13.69 -8.89 34.27
C LYS A 54 -14.32 -9.95 33.35
N ILE A 55 -13.46 -10.78 32.75
CA ILE A 55 -13.92 -11.85 31.87
C ILE A 55 -12.87 -12.98 31.77
N LYS A 56 -13.35 -14.21 31.62
CA LYS A 56 -12.44 -15.34 31.48
C LYS A 56 -12.65 -15.96 30.11
N ILE A 57 -11.63 -15.91 29.28
CA ILE A 57 -11.70 -16.44 27.93
C ILE A 57 -10.67 -17.53 27.68
N ALA A 58 -11.07 -18.58 26.97
CA ALA A 58 -10.18 -19.69 26.64
C ALA A 58 -9.46 -19.30 25.33
N LEU A 59 -8.14 -19.28 25.37
CA LEU A 59 -7.38 -18.87 24.20
C LEU A 59 -6.24 -19.83 23.84
N PRO A 60 -6.09 -20.16 22.54
CA PRO A 60 -5.00 -21.08 22.15
C PRO A 60 -3.71 -20.34 22.48
N GLU A 61 -2.64 -21.08 22.73
CA GLU A 61 -1.37 -20.44 23.07
C GLU A 61 -0.82 -19.61 21.92
N GLY A 62 -0.14 -18.52 22.27
CA GLY A 62 0.45 -17.63 21.29
C GLY A 62 0.42 -16.21 21.78
N VAL A 63 0.93 -15.28 20.98
CA VAL A 63 0.93 -13.87 21.33
C VAL A 63 -0.34 -13.25 20.75
N TRP A 64 -1.19 -12.73 21.61
CA TRP A 64 -2.44 -12.11 21.17
C TRP A 64 -2.43 -10.62 21.40
N HIS A 65 -3.20 -9.90 20.58
CA HIS A 65 -3.28 -8.46 20.70
C HIS A 65 -4.64 -8.15 21.28
N TYR A 66 -4.72 -7.17 22.16
CA TYR A 66 -6.01 -6.84 22.75
C TYR A 66 -6.13 -5.40 23.23
N ALA A 67 -7.36 -5.06 23.62
CA ALA A 67 -7.68 -3.74 24.11
C ALA A 67 -9.07 -3.85 24.70
N PHE A 68 -9.62 -2.73 25.15
CA PHE A 68 -10.94 -2.75 25.73
C PHE A 68 -11.82 -1.70 25.09
N SER A 69 -13.12 -1.91 25.23
CA SER A 69 -14.10 -0.98 24.77
C SER A 69 -14.92 -0.67 26.01
N ILE A 70 -14.90 0.60 26.42
CA ILE A 70 -15.66 1.04 27.58
C ILE A 70 -16.68 2.05 27.08
N ASP A 71 -17.97 1.72 27.20
CA ASP A 71 -19.02 2.62 26.73
C ASP A 71 -18.85 2.91 25.24
N GLY A 72 -18.23 1.98 24.51
CA GLY A 72 -18.05 2.17 23.09
C GLY A 72 -16.81 2.95 22.69
N LYS A 73 -15.82 3.01 23.58
CA LYS A 73 -14.59 3.73 23.24
C LYS A 73 -13.37 2.85 23.41
N PHE A 74 -12.53 2.83 22.38
CA PHE A 74 -11.32 2.04 22.38
C PHE A 74 -10.42 2.50 23.52
N VAL A 75 -10.10 1.61 24.44
CA VAL A 75 -9.24 1.93 25.58
C VAL A 75 -8.18 0.86 25.84
N LEU A 76 -6.96 1.30 26.12
CA LEU A 76 -5.86 0.39 26.39
C LEU A 76 -5.85 -0.13 27.83
N ASP A 77 -5.24 -1.29 28.03
CA ASP A 77 -5.14 -1.90 29.34
C ASP A 77 -4.19 -1.02 30.17
N PRO A 78 -4.73 -0.26 31.13
CA PRO A 78 -3.90 0.62 31.96
C PRO A 78 -2.78 -0.07 32.73
N ASP A 79 -2.97 -1.36 33.06
CA ASP A 79 -1.97 -2.12 33.81
C ASP A 79 -0.90 -2.81 32.97
N ASN A 80 -1.14 -2.94 31.67
CA ASN A 80 -0.18 -3.62 30.81
C ASN A 80 0.76 -2.66 30.08
N PRO A 81 2.05 -2.67 30.45
CA PRO A 81 3.06 -1.80 29.84
C PRO A 81 3.45 -2.22 28.42
N GLU A 82 3.15 -3.47 28.07
CA GLU A 82 3.45 -3.97 26.75
C GLU A 82 2.41 -3.55 25.71
N ARG A 83 2.74 -2.50 24.97
CA ARG A 83 1.86 -1.99 23.93
C ARG A 83 2.58 -2.21 22.62
N ARG A 84 1.90 -1.97 21.50
CA ARG A 84 2.51 -2.16 20.20
C ARG A 84 1.51 -1.80 19.11
N VAL A 85 2.01 -1.29 17.99
CA VAL A 85 1.14 -0.94 16.88
C VAL A 85 0.84 -2.20 16.07
N TYR A 86 -0.42 -2.62 16.07
CA TYR A 86 -0.84 -3.80 15.33
C TYR A 86 -1.50 -3.33 14.03
N THR A 87 -1.12 -3.93 12.91
CA THR A 87 -1.74 -3.52 11.67
C THR A 87 -2.20 -4.70 10.81
N ARG A 88 -3.41 -4.56 10.27
CA ARG A 88 -4.01 -5.55 9.39
C ARG A 88 -4.75 -4.79 8.30
N LYS A 89 -4.10 -4.66 7.14
CA LYS A 89 -4.72 -3.96 6.01
C LYS A 89 -6.01 -4.69 5.62
N GLY A 90 -6.04 -6.00 5.89
CA GLY A 90 -7.21 -6.82 5.57
C GLY A 90 -8.53 -6.18 5.99
N TYR A 91 -8.53 -5.45 7.11
CA TYR A 91 -9.72 -4.77 7.56
C TYR A 91 -9.37 -3.40 8.08
N LYS A 92 -8.44 -2.77 7.37
CA LYS A 92 -7.98 -1.42 7.64
C LYS A 92 -7.74 -1.08 9.12
N PHE A 93 -7.04 -1.97 9.81
CA PHE A 93 -6.72 -1.77 11.21
C PHE A 93 -5.26 -1.33 11.33
N HIS A 94 -5.04 -0.26 12.07
CA HIS A 94 -3.69 0.25 12.27
C HIS A 94 -3.68 1.19 13.46
N ARG A 95 -3.36 0.66 14.63
CA ARG A 95 -3.30 1.46 15.84
C ARG A 95 -2.61 0.71 16.98
N GLU A 96 -2.32 1.44 18.06
CA GLU A 96 -1.64 0.85 19.20
C GLU A 96 -2.56 -0.04 20.01
N VAL A 97 -2.05 -1.20 20.42
CA VAL A 97 -2.83 -2.15 21.21
C VAL A 97 -1.96 -2.78 22.30
N ASN A 98 -2.57 -3.63 23.12
CA ASN A 98 -1.86 -4.30 24.18
C ASN A 98 -1.46 -5.69 23.71
N VAL A 99 -0.40 -6.22 24.32
CA VAL A 99 0.08 -7.55 23.98
C VAL A 99 -0.16 -8.52 25.13
N ALA A 100 -0.57 -9.74 24.77
CA ALA A 100 -0.82 -10.80 25.75
C ALA A 100 -0.02 -12.01 25.34
N ARG A 101 1.08 -12.26 26.07
CA ARG A 101 1.94 -13.40 25.79
C ARG A 101 1.33 -14.62 26.50
N ILE A 102 0.62 -15.45 25.75
CA ILE A 102 -0.05 -16.62 26.31
C ILE A 102 0.68 -17.93 25.98
N VAL A 103 1.41 -18.47 26.95
CA VAL A 103 2.14 -19.72 26.74
C VAL A 103 2.54 -20.40 28.05
N LYS A 104 2.42 -21.72 28.09
CA LYS A 104 2.76 -22.48 29.29
C LYS A 104 4.26 -22.46 29.54
N SER A 105 4.63 -22.23 30.80
CA SER A 105 6.03 -22.14 31.23
C SER A 105 6.91 -23.36 30.97
N ASP A 106 6.32 -24.53 30.78
CA ASP A 106 7.10 -25.75 30.54
C ASP A 106 7.27 -26.06 29.05
N ASP A 107 6.79 -25.17 28.20
CA ASP A 107 6.85 -25.39 26.76
C ASP A 107 8.23 -25.39 26.11
N LEU A 108 8.40 -26.31 25.18
CA LEU A 108 9.63 -26.48 24.40
C LEU A 108 9.20 -27.13 23.06
N VAL A 109 8.51 -28.25 23.19
CA VAL A 109 8.00 -29.02 22.07
C VAL A 109 6.60 -29.46 22.51
N PHE A 110 5.61 -29.34 21.63
CA PHE A 110 4.26 -29.72 22.00
C PHE A 110 3.41 -30.40 20.92
N HIS A 111 2.67 -31.41 21.35
CA HIS A 111 1.77 -32.16 20.49
C HIS A 111 0.86 -33.06 21.31
N THR A 112 -0.44 -32.99 21.05
CA THR A 112 -1.40 -33.83 21.74
C THR A 112 -2.43 -34.21 20.71
N PRO A 113 -2.85 -35.48 20.69
CA PRO A 113 -3.86 -35.87 19.71
C PRO A 113 -5.07 -34.93 19.84
N SER A 114 -5.39 -34.24 18.75
CA SER A 114 -6.52 -33.31 18.71
C SER A 114 -6.73 -32.87 17.25
N LEU A 115 -7.81 -32.13 16.99
CA LEU A 115 -8.12 -31.70 15.63
C LEU A 115 -6.96 -31.06 14.87
N LEU A 116 -6.40 -30.00 15.42
CA LEU A 116 -5.31 -29.27 14.78
C LEU A 116 -3.95 -29.96 14.76
N TYR A 117 -3.74 -30.93 15.64
CA TYR A 117 -2.46 -31.62 15.69
C TYR A 117 -2.44 -33.01 15.08
N LEU A 118 -3.62 -33.56 14.79
CA LEU A 118 -3.68 -34.89 14.23
C LEU A 118 -5.05 -35.09 13.59
N TYR A 119 -5.18 -34.70 12.34
CA TYR A 119 -6.45 -34.83 11.66
C TYR A 119 -6.34 -35.53 10.32
N GLU A 120 -7.50 -35.87 9.78
CA GLU A 120 -7.59 -36.53 8.49
C GLU A 120 -8.65 -35.81 7.67
N ILE A 121 -8.42 -35.71 6.38
CA ILE A 121 -9.37 -35.09 5.47
C ILE A 121 -8.97 -35.55 4.08
N PHE A 122 -9.96 -35.78 3.23
CA PHE A 122 -9.74 -36.25 1.87
C PHE A 122 -8.75 -37.41 1.79
N GLY A 123 -8.90 -38.36 2.71
CA GLY A 123 -8.05 -39.54 2.71
C GLY A 123 -6.63 -39.42 3.23
N ARG A 124 -6.26 -38.29 3.82
CA ARG A 124 -4.90 -38.12 4.33
C ARG A 124 -4.84 -37.60 5.75
N VAL A 125 -3.76 -37.97 6.44
CA VAL A 125 -3.54 -37.58 7.83
C VAL A 125 -2.45 -36.54 7.93
N HIS A 126 -2.76 -35.45 8.63
CA HIS A 126 -1.83 -34.35 8.85
C HIS A 126 -1.41 -34.36 10.32
N VAL A 127 -0.11 -34.31 10.57
CA VAL A 127 0.43 -34.33 11.94
C VAL A 127 1.20 -33.04 12.19
N LEU A 128 0.98 -32.44 13.36
CA LEU A 128 1.65 -31.18 13.69
C LEU A 128 2.49 -31.22 14.96
N LEU A 129 3.65 -30.56 14.91
CA LEU A 129 4.50 -30.47 16.07
C LEU A 129 4.85 -29.00 16.26
N ARG A 130 4.38 -28.42 17.36
CA ARG A 130 4.64 -27.00 17.66
C ARG A 130 5.86 -26.92 18.56
N THR A 131 6.79 -26.04 18.22
CA THR A 131 8.01 -25.91 19.00
C THR A 131 8.39 -24.46 19.28
N GLN A 132 9.15 -24.25 20.36
CA GLN A 132 9.60 -22.93 20.74
C GLN A 132 10.42 -22.40 19.56
N LYS A 133 10.04 -21.23 19.05
CA LYS A 133 10.69 -20.62 17.89
C LYS A 133 12.23 -20.58 17.87
N GLY A 134 12.79 -21.08 16.77
CA GLY A 134 14.24 -21.08 16.57
C GLY A 134 15.08 -22.04 17.40
N VAL A 135 14.43 -22.84 18.24
CA VAL A 135 15.14 -23.77 19.11
C VAL A 135 15.31 -25.19 18.53
N ILE A 136 14.36 -25.63 17.71
CA ILE A 136 14.42 -26.97 17.15
C ILE A 136 14.93 -26.99 15.72
N LYS A 137 16.04 -27.68 15.50
CA LYS A 137 16.63 -27.78 14.17
C LYS A 137 15.83 -28.71 13.27
N GLY A 138 15.46 -29.88 13.78
CA GLY A 138 14.70 -30.81 12.98
C GLY A 138 13.87 -31.76 13.81
N ALA A 139 12.92 -32.42 13.16
CA ALA A 139 12.05 -33.35 13.87
C ALA A 139 11.67 -34.50 12.93
N THR A 140 11.52 -35.69 13.51
CA THR A 140 11.15 -36.87 12.77
C THR A 140 9.87 -37.49 13.36
N PHE A 141 8.96 -37.88 12.48
CA PHE A 141 7.73 -38.53 12.92
C PHE A 141 8.06 -40.02 13.03
N LEU A 142 7.96 -40.56 14.23
CA LEU A 142 8.26 -41.96 14.46
C LEU A 142 6.98 -42.81 14.51
N GLY A 143 6.48 -43.19 13.35
CA GLY A 143 5.29 -44.00 13.29
C GLY A 143 5.65 -45.37 12.74
N GLU A 144 4.73 -45.99 12.00
CA GLU A 144 5.00 -47.29 11.41
C GLU A 144 6.23 -47.12 10.53
N LYS A 145 6.38 -45.90 10.02
CA LYS A 145 7.51 -45.55 9.16
C LYS A 145 8.11 -44.26 9.70
N HIS A 146 9.44 -44.19 9.72
CA HIS A 146 10.11 -42.98 10.19
C HIS A 146 10.14 -42.01 9.03
N VAL A 147 9.54 -40.85 9.21
CA VAL A 147 9.51 -39.85 8.16
C VAL A 147 9.81 -38.44 8.66
N PRO A 148 10.78 -37.76 8.03
CA PRO A 148 11.15 -36.41 8.43
C PRO A 148 10.01 -35.40 8.28
N MET A 149 9.92 -34.48 9.24
CA MET A 149 8.90 -33.45 9.25
C MET A 149 9.52 -32.19 8.69
N ARG A 150 8.69 -31.29 8.18
CA ARG A 150 9.20 -30.05 7.62
C ARG A 150 8.71 -28.82 8.38
N LYS A 151 9.64 -27.91 8.66
CA LYS A 151 9.27 -26.68 9.37
C LYS A 151 8.53 -25.82 8.33
N LYS A 152 7.21 -25.72 8.48
CA LYS A 152 6.38 -24.98 7.53
C LYS A 152 6.17 -23.49 7.82
N ALA A 153 6.13 -23.13 9.09
CA ALA A 153 5.90 -21.73 9.45
C ALA A 153 6.46 -21.32 10.81
N SER A 154 6.41 -20.02 11.08
CA SER A 154 6.90 -19.49 12.33
C SER A 154 6.08 -18.31 12.79
N ASP A 155 5.73 -18.33 14.07
CA ASP A 155 4.95 -17.31 14.76
C ASP A 155 5.94 -16.44 15.51
N GLU A 156 5.42 -15.63 16.44
CA GLU A 156 6.29 -14.80 17.26
C GLU A 156 6.86 -15.73 18.34
N LEU A 157 6.09 -16.73 18.72
CA LEU A 157 6.50 -17.68 19.74
C LEU A 157 6.86 -19.08 19.24
N PHE A 158 6.31 -19.49 18.09
CA PHE A 158 6.54 -20.85 17.61
C PHE A 158 7.00 -21.12 16.18
N ASP A 159 7.51 -22.33 16.01
CA ASP A 159 7.90 -22.86 14.72
C ASP A 159 6.89 -23.98 14.57
N TYR A 160 6.51 -24.31 13.36
CA TYR A 160 5.54 -25.35 13.16
C TYR A 160 6.12 -26.42 12.24
N PHE A 161 6.17 -27.64 12.76
CA PHE A 161 6.69 -28.77 12.01
C PHE A 161 5.51 -29.65 11.63
N GLU A 162 5.46 -30.06 10.37
CA GLU A 162 4.36 -30.88 9.88
C GLU A 162 4.81 -32.03 8.98
N VAL A 163 3.91 -32.98 8.77
CA VAL A 163 4.17 -34.11 7.92
C VAL A 163 2.82 -34.69 7.53
N ILE A 164 2.75 -35.26 6.33
CA ILE A 164 1.53 -35.87 5.81
C ILE A 164 1.78 -37.38 5.77
N VAL A 165 0.81 -38.17 6.23
CA VAL A 165 0.94 -39.62 6.24
C VAL A 165 -0.34 -40.33 5.79
N GLU A 166 -0.19 -41.53 5.23
CA GLU A 166 -1.33 -42.31 4.74
C GLU A 166 -2.48 -42.36 5.75
N GLY A 167 -3.66 -41.94 5.32
CA GLY A 167 -4.82 -41.91 6.20
C GLY A 167 -5.78 -43.07 6.07
N GLY A 168 -5.47 -44.02 5.18
CA GLY A 168 -6.34 -45.16 5.01
C GLY A 168 -6.27 -46.09 6.21
N ASP A 169 -5.79 -45.56 7.33
CA ASP A 169 -5.66 -46.34 8.56
C ASP A 169 -6.68 -45.93 9.62
N LYS A 170 -6.32 -46.17 10.88
CA LYS A 170 -7.17 -45.84 12.01
C LYS A 170 -6.29 -45.44 13.19
N ARG A 171 -6.04 -46.39 14.09
CA ARG A 171 -5.23 -46.16 15.27
C ARG A 171 -3.76 -46.06 14.91
N LEU A 172 -3.17 -44.89 15.15
CA LEU A 172 -1.77 -44.67 14.84
C LEU A 172 -0.94 -44.66 16.11
N ASN A 173 0.20 -45.35 16.07
CA ASN A 173 1.10 -45.41 17.22
C ASN A 173 2.32 -44.60 16.80
N TYR A 174 2.62 -43.55 17.55
CA TYR A 174 3.74 -42.71 17.19
C TYR A 174 4.34 -41.88 18.32
N SER A 175 5.50 -41.31 18.01
CA SER A 175 6.23 -40.43 18.91
C SER A 175 7.07 -39.58 17.95
N PHE A 176 7.81 -38.62 18.49
CA PHE A 176 8.66 -37.75 17.67
C PHE A 176 10.10 -37.75 18.15
N GLU A 177 11.03 -37.51 17.23
CA GLU A 177 12.45 -37.39 17.57
C GLU A 177 12.80 -35.96 17.23
N VAL A 178 13.32 -35.23 18.21
CA VAL A 178 13.66 -33.83 18.04
C VAL A 178 15.16 -33.55 18.10
N LEU A 179 15.61 -32.63 17.26
CA LEU A 179 17.02 -32.25 17.21
C LEU A 179 17.08 -30.75 17.47
N THR A 180 17.80 -30.34 18.50
CA THR A 180 17.91 -28.93 18.83
C THR A 180 19.09 -28.33 18.09
N MET A 181 19.09 -27.00 17.98
CA MET A 181 20.16 -26.27 17.29
C MET A 181 21.51 -26.58 17.94
N GLU A 182 21.49 -26.94 19.22
CA GLU A 182 22.70 -27.25 19.96
C GLU A 182 23.18 -28.64 19.58
N GLY A 183 22.26 -29.47 19.12
CA GLY A 183 22.61 -30.83 18.75
C GLY A 183 21.98 -31.80 19.73
N ALA A 184 21.26 -31.28 20.72
CA ALA A 184 20.60 -32.12 21.70
C ALA A 184 19.55 -32.95 20.95
N LYS A 185 19.35 -34.18 21.39
CA LYS A 185 18.38 -35.05 20.75
C LYS A 185 17.58 -35.81 21.80
N PHE A 186 16.28 -35.92 21.59
CA PHE A 186 15.42 -36.64 22.52
C PHE A 186 14.14 -37.06 21.84
N GLU A 187 13.47 -38.04 22.44
CA GLU A 187 12.21 -38.54 21.92
C GLU A 187 11.11 -37.89 22.73
N TYR A 188 10.10 -37.38 22.05
CA TYR A 188 8.99 -36.73 22.71
C TYR A 188 7.72 -37.57 22.66
N GLY A 189 7.13 -37.77 23.83
CA GLY A 189 5.90 -38.53 23.97
C GLY A 189 5.82 -39.89 23.31
N GLN A 190 4.69 -40.55 23.53
CA GLN A 190 4.39 -41.86 22.96
C GLN A 190 2.87 -41.82 22.82
N PHE A 191 2.38 -41.61 21.59
CA PHE A 191 0.95 -41.50 21.36
C PHE A 191 0.31 -42.65 20.60
N LYS A 192 -0.94 -42.91 20.96
CA LYS A 192 -1.76 -43.94 20.34
C LYS A 192 -3.12 -43.28 20.12
N ALA A 193 -3.46 -43.02 18.86
CA ALA A 193 -4.73 -42.37 18.58
C ALA A 193 -5.18 -42.42 17.14
N ARG A 194 -6.49 -42.29 16.95
CA ARG A 194 -7.11 -42.27 15.63
C ARG A 194 -7.24 -40.77 15.31
N PRO A 195 -6.91 -40.39 14.08
CA PRO A 195 -7.01 -38.97 13.72
C PRO A 195 -8.41 -38.37 13.82
N PHE A 196 -8.46 -37.09 14.19
CA PHE A 196 -9.71 -36.36 14.30
C PHE A 196 -10.07 -35.88 12.90
N SER A 197 -11.20 -35.19 12.79
CA SER A 197 -11.63 -34.66 11.52
C SER A 197 -12.82 -33.76 11.75
N ILE A 198 -13.27 -33.10 10.70
CA ILE A 198 -14.42 -32.22 10.80
C ILE A 198 -15.49 -32.67 9.84
N GLU A 199 -16.73 -32.29 10.15
CA GLU A 199 -17.87 -32.64 9.33
C GLU A 199 -18.18 -31.42 8.46
N PHE A 200 -18.68 -31.65 7.25
CA PHE A 200 -19.07 -30.56 6.36
C PHE A 200 -19.83 -31.11 5.17
N PRO A 201 -20.68 -30.29 4.54
CA PRO A 201 -21.42 -30.79 3.38
C PRO A 201 -20.41 -31.02 2.26
N THR A 202 -20.41 -32.20 1.66
CA THR A 202 -19.45 -32.47 0.59
C THR A 202 -19.66 -31.61 -0.65
N TRP A 203 -20.86 -31.06 -0.83
CA TRP A 203 -21.12 -30.23 -2.01
C TRP A 203 -20.36 -28.92 -2.04
N VAL A 204 -19.95 -28.42 -0.87
CA VAL A 204 -19.25 -27.14 -0.80
C VAL A 204 -17.86 -27.15 -1.44
N ILE A 205 -17.16 -28.27 -1.32
CA ILE A 205 -15.80 -28.42 -1.83
C ILE A 205 -15.59 -28.13 -3.32
N ASP A 206 -16.56 -28.48 -4.16
CA ASP A 206 -16.38 -28.24 -5.59
C ASP A 206 -17.15 -27.01 -6.07
N ARG A 207 -17.33 -26.08 -5.15
CA ARG A 207 -18.04 -24.84 -5.42
C ARG A 207 -17.12 -23.68 -5.84
N VAL A 208 -17.67 -22.77 -6.64
CA VAL A 208 -16.98 -21.55 -7.01
C VAL A 208 -18.10 -20.54 -6.76
N PHE A 209 -17.98 -19.77 -5.68
CA PHE A 209 -19.00 -18.80 -5.33
C PHE A 209 -19.04 -17.51 -6.16
N TYR A 210 -20.22 -16.93 -6.23
CA TYR A 210 -20.43 -15.67 -6.96
C TYR A 210 -21.27 -14.82 -6.03
N GLN A 211 -20.71 -13.71 -5.54
CA GLN A 211 -21.43 -12.84 -4.62
C GLN A 211 -22.25 -11.81 -5.38
N ILE A 212 -23.53 -11.71 -5.03
CA ILE A 212 -24.45 -10.79 -5.67
C ILE A 212 -25.19 -9.84 -4.73
N MET A 213 -25.20 -8.56 -5.10
CA MET A 213 -25.94 -7.54 -4.37
C MET A 213 -27.13 -7.28 -5.28
N PRO A 214 -28.31 -7.83 -4.92
CA PRO A 214 -29.54 -7.69 -5.70
C PRO A 214 -29.78 -6.30 -6.28
N ASP A 215 -29.60 -5.28 -5.45
CA ASP A 215 -29.84 -3.94 -5.93
C ASP A 215 -28.95 -3.48 -7.09
N LYS A 216 -27.74 -4.05 -7.18
CA LYS A 216 -26.78 -3.66 -8.21
C LYS A 216 -26.68 -4.60 -9.42
N PHE A 217 -27.07 -5.85 -9.23
CA PHE A 217 -26.93 -6.85 -10.30
C PHE A 217 -27.81 -6.69 -11.53
N ALA A 218 -29.12 -6.91 -11.40
CA ALA A 218 -29.97 -6.83 -12.58
C ALA A 218 -31.41 -6.40 -12.34
N ARG A 219 -31.80 -5.34 -13.02
CA ARG A 219 -33.16 -4.83 -12.91
C ARG A 219 -33.99 -5.73 -13.81
N SER A 220 -35.16 -6.15 -13.34
CA SER A 220 -36.02 -7.04 -14.11
C SER A 220 -36.54 -6.38 -15.38
N ARG A 221 -36.80 -7.21 -16.40
CA ARG A 221 -37.32 -6.72 -17.66
C ARG A 221 -38.85 -6.78 -17.61
N LYS A 222 -39.39 -7.47 -16.59
CA LYS A 222 -40.82 -7.56 -16.41
C LYS A 222 -41.24 -6.43 -15.46
N ILE A 223 -41.77 -5.35 -16.02
CA ILE A 223 -42.20 -4.20 -15.24
C ILE A 223 -43.39 -4.52 -14.32
N GLN A 224 -43.28 -4.13 -13.06
CA GLN A 224 -44.35 -4.39 -12.09
C GLN A 224 -44.25 -3.48 -10.86
N TRP A 234 -30.08 2.25 -7.49
CA TRP A 234 -30.40 1.35 -8.59
C TRP A 234 -31.49 0.36 -8.18
N GLY A 235 -32.33 -0.02 -9.13
CA GLY A 235 -33.41 -0.93 -8.77
C GLY A 235 -33.27 -2.38 -9.20
N GLY A 236 -32.12 -2.99 -8.94
CA GLY A 236 -31.94 -4.38 -9.29
C GLY A 236 -32.83 -5.19 -8.36
N ASP A 237 -33.32 -6.33 -8.81
CA ASP A 237 -34.17 -7.17 -7.98
C ASP A 237 -33.92 -8.65 -8.23
N LEU A 238 -34.69 -9.50 -7.56
CA LEU A 238 -34.54 -10.96 -7.69
C LEU A 238 -35.03 -11.52 -9.02
N ILE A 239 -36.01 -10.88 -9.64
CA ILE A 239 -36.50 -11.35 -10.93
C ILE A 239 -35.35 -11.19 -11.91
N GLY A 240 -34.61 -10.09 -11.75
CA GLY A 240 -33.47 -9.83 -12.62
C GLY A 240 -32.41 -10.91 -12.51
N ILE A 241 -32.08 -11.30 -11.28
CA ILE A 241 -31.08 -12.34 -11.08
C ILE A 241 -31.51 -13.59 -11.86
N LYS A 242 -32.78 -13.98 -11.72
CA LYS A 242 -33.29 -15.15 -12.43
C LYS A 242 -33.18 -14.98 -13.94
N GLU A 243 -33.48 -13.78 -14.43
CA GLU A 243 -33.40 -13.52 -15.86
C GLU A 243 -31.96 -13.62 -16.37
N LYS A 244 -30.99 -13.47 -15.46
CA LYS A 244 -29.58 -13.54 -15.84
C LYS A 244 -28.94 -14.88 -15.55
N ILE A 245 -29.74 -15.89 -15.23
CA ILE A 245 -29.18 -17.20 -14.92
C ILE A 245 -28.30 -17.77 -16.03
N ASP A 246 -28.63 -17.49 -17.28
CA ASP A 246 -27.82 -18.00 -18.37
C ASP A 246 -26.39 -17.49 -18.28
N HIS A 247 -26.23 -16.23 -17.87
CA HIS A 247 -24.91 -15.64 -17.73
C HIS A 247 -24.08 -16.35 -16.66
N LEU A 248 -24.74 -16.78 -15.59
CA LEU A 248 -24.05 -17.47 -14.50
C LEU A 248 -23.60 -18.87 -14.90
N VAL A 249 -24.47 -19.60 -15.61
CA VAL A 249 -24.12 -20.96 -16.03
C VAL A 249 -23.01 -20.89 -17.05
N ASN A 250 -23.05 -19.88 -17.92
CA ASN A 250 -22.00 -19.75 -18.92
C ASN A 250 -20.67 -19.48 -18.22
N LEU A 251 -20.71 -18.67 -17.17
CA LEU A 251 -19.49 -18.35 -16.41
C LEU A 251 -18.97 -19.61 -15.74
N GLY A 252 -19.89 -20.45 -15.24
CA GLY A 252 -19.49 -21.70 -14.61
C GLY A 252 -19.60 -21.73 -13.09
N ILE A 253 -19.95 -20.61 -12.48
CA ILE A 253 -20.08 -20.58 -11.02
C ILE A 253 -21.28 -21.45 -10.64
N ASN A 254 -21.20 -22.10 -9.49
CA ASN A 254 -22.27 -22.99 -9.07
C ASN A 254 -22.74 -22.79 -7.63
N ALA A 255 -22.60 -21.57 -7.14
CA ALA A 255 -23.04 -21.22 -5.81
C ALA A 255 -23.13 -19.72 -5.75
N ILE A 256 -24.14 -19.21 -5.05
CA ILE A 256 -24.33 -17.79 -4.94
C ILE A 256 -24.47 -17.35 -3.48
N TYR A 257 -23.83 -16.23 -3.18
CA TYR A 257 -23.90 -15.62 -1.85
C TYR A 257 -24.66 -14.33 -2.07
N LEU A 258 -25.91 -14.30 -1.57
CA LEU A 258 -26.76 -13.14 -1.71
C LEU A 258 -26.65 -12.22 -0.50
N THR A 259 -26.66 -10.94 -0.81
CA THR A 259 -26.64 -9.87 0.16
C THR A 259 -28.04 -9.91 0.82
N PRO A 260 -28.22 -9.32 2.02
CA PRO A 260 -29.54 -9.35 2.67
C PRO A 260 -30.73 -9.09 1.76
N ILE A 261 -31.74 -9.96 1.85
CA ILE A 261 -32.94 -9.82 1.04
C ILE A 261 -34.22 -9.68 1.86
N PHE A 262 -34.10 -9.68 3.18
CA PHE A 262 -35.28 -9.54 4.05
C PHE A 262 -35.85 -8.13 4.09
N SER A 263 -37.09 -7.99 4.54
CA SER A 263 -37.73 -6.69 4.64
C SER A 263 -36.81 -5.83 5.48
N SER A 264 -36.45 -4.67 4.95
CA SER A 264 -35.55 -3.76 5.65
C SER A 264 -35.98 -2.33 5.42
N LEU A 265 -35.51 -1.44 6.27
CA LEU A 265 -35.84 -0.03 6.19
C LEU A 265 -35.38 0.62 4.88
N THR A 266 -34.10 0.44 4.56
CA THR A 266 -33.52 1.01 3.35
C THR A 266 -33.07 -0.07 2.37
N TYR A 267 -32.82 0.34 1.12
CA TYR A 267 -32.37 -0.59 0.08
C TYR A 267 -31.04 -1.24 0.44
N HIS A 268 -30.42 -0.76 1.51
CA HIS A 268 -29.14 -1.32 1.97
C HIS A 268 -29.37 -2.76 2.43
N GLY A 269 -30.41 -2.97 3.21
CA GLY A 269 -30.73 -4.31 3.67
C GLY A 269 -30.16 -4.79 4.99
N TYR A 270 -29.19 -4.07 5.56
CA TYR A 270 -28.62 -4.50 6.84
C TYR A 270 -29.42 -3.97 8.05
N ASP A 271 -30.56 -3.35 7.76
CA ASP A 271 -31.45 -2.81 8.80
C ASP A 271 -32.80 -3.52 8.70
N ILE A 272 -32.83 -4.78 9.13
CA ILE A 272 -34.01 -5.62 9.08
C ILE A 272 -35.19 -5.20 9.94
N VAL A 273 -36.39 -5.21 9.35
CA VAL A 273 -37.61 -4.88 10.07
C VAL A 273 -38.51 -6.11 10.13
N ASP A 274 -38.18 -7.13 9.32
CA ASP A 274 -38.94 -8.38 9.27
C ASP A 274 -38.06 -9.50 8.72
N TYR A 275 -37.71 -10.46 9.58
CA TYR A 275 -36.85 -11.57 9.17
C TYR A 275 -37.55 -12.73 8.46
N PHE A 276 -38.87 -12.67 8.31
CA PHE A 276 -39.57 -13.78 7.67
C PHE A 276 -40.17 -13.49 6.30
N HIS A 277 -39.78 -12.37 5.70
CA HIS A 277 -40.28 -11.99 4.38
C HIS A 277 -39.18 -11.33 3.56
N VAL A 278 -39.28 -11.50 2.24
CA VAL A 278 -38.30 -10.91 1.34
C VAL A 278 -38.74 -9.47 1.05
N ALA A 279 -37.77 -8.58 0.97
CA ALA A 279 -38.05 -7.17 0.72
C ALA A 279 -38.91 -6.94 -0.53
N ARG A 280 -39.91 -6.07 -0.38
CA ARG A 280 -40.82 -5.71 -1.47
C ARG A 280 -40.00 -5.20 -2.66
N ARG A 281 -39.05 -4.31 -2.37
CA ARG A 281 -38.19 -3.71 -3.39
C ARG A 281 -37.53 -4.77 -4.27
N LEU A 282 -37.29 -5.94 -3.71
CA LEU A 282 -36.62 -7.01 -4.45
C LEU A 282 -37.55 -7.97 -5.17
N GLY A 283 -38.86 -7.68 -5.13
CA GLY A 283 -39.81 -8.54 -5.81
C GLY A 283 -40.72 -9.37 -4.93
N GLY A 284 -40.40 -9.47 -3.65
CA GLY A 284 -41.23 -10.24 -2.75
C GLY A 284 -40.85 -11.69 -2.57
N ASP A 285 -41.65 -12.41 -1.78
CA ASP A 285 -41.39 -13.82 -1.51
C ASP A 285 -41.54 -14.72 -2.72
N ARG A 286 -42.54 -14.45 -3.57
CA ARG A 286 -42.73 -15.30 -4.75
C ARG A 286 -41.52 -15.21 -5.68
N ALA A 287 -40.95 -14.02 -5.80
CA ALA A 287 -39.78 -13.85 -6.66
C ALA A 287 -38.64 -14.75 -6.17
N PHE A 288 -38.40 -14.74 -4.86
CA PHE A 288 -37.35 -15.55 -4.26
C PHE A 288 -37.60 -17.04 -4.41
N VAL A 289 -38.88 -17.43 -4.36
CA VAL A 289 -39.26 -18.83 -4.51
C VAL A 289 -39.00 -19.28 -5.94
N ASP A 290 -39.30 -18.41 -6.90
CA ASP A 290 -39.06 -18.76 -8.31
C ASP A 290 -37.56 -18.77 -8.60
N LEU A 291 -36.83 -17.80 -8.07
CA LEU A 291 -35.39 -17.75 -8.30
C LEU A 291 -34.77 -19.04 -7.76
N LEU A 292 -35.16 -19.41 -6.56
CA LEU A 292 -34.67 -20.63 -5.92
C LEU A 292 -34.83 -21.88 -6.78
N SER A 293 -36.06 -22.23 -7.13
CA SER A 293 -36.29 -23.44 -7.91
C SER A 293 -35.55 -23.43 -9.23
N GLU A 294 -35.42 -22.25 -9.83
CA GLU A 294 -34.72 -22.10 -11.11
C GLU A 294 -33.23 -22.39 -10.91
N LEU A 295 -32.66 -21.85 -9.84
CA LEU A 295 -31.26 -22.08 -9.56
C LEU A 295 -31.05 -23.58 -9.31
N LYS A 296 -32.01 -24.20 -8.62
CA LYS A 296 -31.94 -25.63 -8.32
C LYS A 296 -31.81 -26.45 -9.62
N ARG A 297 -32.46 -25.98 -10.68
CA ARG A 297 -32.41 -26.67 -11.97
C ARG A 297 -31.01 -26.84 -12.52
N PHE A 298 -30.13 -25.87 -12.23
CA PHE A 298 -28.76 -25.95 -12.72
C PHE A 298 -27.76 -26.25 -11.63
N ASP A 299 -28.26 -26.82 -10.53
CA ASP A 299 -27.44 -27.17 -9.38
C ASP A 299 -26.64 -25.99 -8.83
N ILE A 300 -27.26 -24.83 -8.77
CA ILE A 300 -26.57 -23.68 -8.21
C ILE A 300 -27.06 -23.46 -6.78
N LYS A 301 -26.12 -23.59 -5.83
CA LYS A 301 -26.44 -23.44 -4.42
C LYS A 301 -26.67 -21.98 -4.04
N VAL A 302 -27.40 -21.75 -2.97
CA VAL A 302 -27.67 -20.39 -2.52
C VAL A 302 -27.47 -20.23 -1.02
N ILE A 303 -26.72 -19.19 -0.65
CA ILE A 303 -26.46 -18.87 0.74
C ILE A 303 -26.97 -17.45 0.97
N LEU A 304 -27.67 -17.25 2.09
CA LEU A 304 -28.20 -15.92 2.38
C LEU A 304 -27.35 -15.22 3.43
N ASP A 305 -27.57 -13.92 3.56
CA ASP A 305 -26.83 -13.10 4.51
C ASP A 305 -27.66 -12.93 5.77
N GLY A 306 -27.17 -13.50 6.88
CA GLY A 306 -27.88 -13.42 8.15
C GLY A 306 -27.36 -12.27 9.01
N VAL A 307 -28.24 -11.32 9.29
CA VAL A 307 -27.89 -10.14 10.08
C VAL A 307 -28.50 -10.31 11.47
N PHE A 308 -27.74 -10.91 12.37
CA PHE A 308 -28.22 -11.18 13.72
C PHE A 308 -27.52 -10.47 14.86
N HIS A 309 -26.57 -9.60 14.55
CA HIS A 309 -25.87 -8.87 15.60
C HIS A 309 -26.78 -7.74 16.08
N HIS A 310 -27.63 -7.27 15.18
CA HIS A 310 -28.55 -6.19 15.48
C HIS A 310 -29.72 -6.25 14.53
N THR A 311 -30.72 -5.41 14.80
CA THR A 311 -31.91 -5.33 13.94
C THR A 311 -32.01 -3.85 13.63
N SER A 312 -33.05 -3.45 12.91
CA SER A 312 -33.21 -2.04 12.61
C SER A 312 -33.83 -1.36 13.83
N PHE A 313 -33.59 -0.06 13.97
CA PHE A 313 -34.14 0.70 15.07
C PHE A 313 -35.67 0.63 14.95
N PHE A 314 -36.12 0.49 13.71
CA PHE A 314 -37.55 0.44 13.39
C PHE A 314 -38.17 -0.95 13.31
N HIS A 315 -37.48 -1.94 13.85
CA HIS A 315 -38.03 -3.30 13.85
C HIS A 315 -39.11 -3.27 14.93
N PRO A 316 -40.28 -3.88 14.67
CA PRO A 316 -41.36 -3.87 15.65
C PRO A 316 -40.90 -4.13 17.08
N TYR A 317 -39.98 -5.06 17.22
CA TYR A 317 -39.45 -5.42 18.53
C TYR A 317 -38.82 -4.25 19.26
N PHE A 318 -37.87 -3.58 18.61
CA PHE A 318 -37.24 -2.44 19.27
C PHE A 318 -38.23 -1.30 19.44
N GLN A 319 -39.07 -1.07 18.44
CA GLN A 319 -40.07 -0.02 18.49
C GLN A 319 -40.95 -0.18 19.73
N ASP A 320 -41.28 -1.42 20.06
CA ASP A 320 -42.11 -1.69 21.21
C ASP A 320 -41.40 -1.27 22.50
N VAL A 321 -40.08 -1.29 22.46
CA VAL A 321 -39.28 -0.92 23.62
C VAL A 321 -39.24 0.59 23.75
N VAL A 322 -39.24 1.29 22.62
CA VAL A 322 -39.20 2.74 22.63
C VAL A 322 -40.52 3.32 23.18
N ARG A 323 -41.64 2.69 22.90
CA ARG A 323 -42.92 3.22 23.37
C ARG A 323 -43.39 2.67 24.72
N LYS A 324 -42.81 1.56 25.17
CA LYS A 324 -43.22 1.00 26.45
C LYS A 324 -42.11 1.00 27.50
N GLY A 325 -40.86 1.18 27.08
CA GLY A 325 -39.75 1.16 28.02
C GLY A 325 -39.87 -0.14 28.77
N GLU A 326 -39.92 -0.09 30.10
CA GLU A 326 -40.09 -1.33 30.85
C GLU A 326 -41.51 -1.75 30.47
N ASN A 327 -42.05 -2.80 31.07
CA ASN A 327 -43.41 -3.22 30.72
C ASN A 327 -43.48 -3.64 29.25
N SER A 328 -42.34 -3.62 28.58
CA SER A 328 -42.25 -4.00 27.18
C SER A 328 -41.61 -5.38 27.30
N SER A 329 -42.29 -6.39 26.78
CA SER A 329 -41.78 -7.75 26.83
C SER A 329 -40.60 -7.98 25.88
N PHE A 330 -40.02 -6.90 25.39
CA PHE A 330 -38.88 -6.98 24.47
C PHE A 330 -37.71 -6.18 25.02
N LYS A 331 -37.84 -5.73 26.26
CA LYS A 331 -36.82 -4.95 26.93
C LYS A 331 -35.46 -5.65 26.97
N ASN A 332 -35.46 -6.95 27.24
CA ASN A 332 -34.22 -7.70 27.33
C ASN A 332 -33.86 -8.43 26.05
N PHE A 333 -34.43 -7.96 24.93
CA PHE A 333 -34.15 -8.55 23.63
C PHE A 333 -33.00 -7.73 23.07
N TYR A 334 -32.75 -6.59 23.70
CA TYR A 334 -31.67 -5.70 23.30
C TYR A 334 -30.80 -5.35 24.50
N ARG A 335 -29.83 -4.48 24.28
CA ARG A 335 -28.93 -4.07 25.34
C ARG A 335 -29.21 -2.64 25.76
N ILE A 336 -30.21 -2.47 26.61
CA ILE A 336 -30.59 -1.14 27.11
C ILE A 336 -29.61 -0.72 28.20
N ILE A 337 -29.02 0.45 28.06
CA ILE A 337 -28.07 0.94 29.06
C ILE A 337 -28.83 1.63 30.19
N LYS A 338 -29.71 2.55 29.82
CA LYS A 338 -30.53 3.30 30.76
C LYS A 338 -31.94 3.17 30.19
N PHE A 339 -32.96 3.06 31.04
CA PHE A 339 -34.29 2.86 30.51
C PHE A 339 -35.09 4.00 29.90
N PRO A 340 -34.65 5.25 30.07
CA PRO A 340 -35.50 6.24 29.41
C PRO A 340 -34.62 6.05 28.17
N VAL A 341 -34.99 5.04 27.37
CA VAL A 341 -34.33 4.64 26.12
C VAL A 341 -33.87 5.79 25.25
N VAL A 342 -34.82 6.56 24.75
CA VAL A 342 -34.50 7.71 23.91
C VAL A 342 -34.85 8.94 24.74
N SER A 343 -34.03 9.98 24.61
CA SER A 343 -34.19 11.23 25.36
C SER A 343 -35.66 11.65 25.46
N LYS A 344 -35.99 12.25 26.60
CA LYS A 344 -37.34 12.71 26.86
C LYS A 344 -37.75 13.71 25.79
N GLU A 345 -38.54 13.24 24.83
CA GLU A 345 -39.03 14.08 23.75
C GLU A 345 -37.92 14.62 22.86
N PHE A 346 -36.75 14.86 23.43
CA PHE A 346 -35.63 15.41 22.68
C PHE A 346 -35.29 14.59 21.43
N LEU A 347 -35.22 13.27 21.58
CA LEU A 347 -34.90 12.40 20.45
C LEU A 347 -36.11 12.26 19.54
N GLN A 348 -37.29 12.18 20.15
CA GLN A 348 -38.53 12.05 19.38
C GLN A 348 -38.82 13.31 18.57
N ILE A 349 -38.71 14.47 19.20
CA ILE A 349 -38.98 15.73 18.52
C ILE A 349 -38.02 15.89 17.35
N LEU A 350 -36.75 15.59 17.57
CA LEU A 350 -35.74 15.68 16.52
C LEU A 350 -35.97 14.57 15.52
N HIS A 351 -36.93 13.71 15.82
CA HIS A 351 -37.25 12.58 14.96
C HIS A 351 -38.52 12.84 14.15
N SER A 352 -39.31 13.81 14.62
CA SER A 352 -40.56 14.16 13.95
C SER A 352 -40.56 15.57 13.36
N LYS A 353 -39.49 16.32 13.62
CA LYS A 353 -39.37 17.67 13.12
C LYS A 353 -38.81 17.84 11.70
N SER A 354 -39.34 17.05 10.78
CA SER A 354 -38.93 17.06 9.38
C SER A 354 -37.41 16.87 9.34
N SER A 355 -36.69 17.87 8.84
CA SER A 355 -35.24 17.82 8.74
C SER A 355 -34.73 16.81 7.71
N TRP A 356 -35.62 15.96 7.22
CA TRP A 356 -35.28 14.96 6.21
C TRP A 356 -34.09 14.00 6.24
N GLU A 357 -33.89 13.35 7.40
CA GLU A 357 -32.80 12.38 7.59
C GLU A 357 -31.50 13.10 7.91
N GLU A 358 -31.45 14.42 7.76
CA GLU A 358 -30.24 15.14 8.08
C GLU A 358 -30.24 15.16 9.61
N LYS A 359 -31.42 14.91 10.17
CA LYS A 359 -31.62 14.87 11.61
C LYS A 359 -31.03 13.61 12.22
N TYR A 360 -30.47 12.75 11.38
CA TYR A 360 -29.85 11.52 11.86
C TYR A 360 -28.58 11.94 12.61
N LYS A 361 -27.99 13.05 12.16
CA LYS A 361 -26.77 13.57 12.77
C LYS A 361 -27.09 14.33 14.05
N LYS A 362 -28.30 14.87 14.15
CA LYS A 362 -28.70 15.61 15.33
C LYS A 362 -28.95 14.63 16.46
N ILE A 363 -29.67 13.55 16.16
CA ILE A 363 -29.96 12.51 17.15
C ILE A 363 -28.65 11.87 17.57
N LYS A 364 -27.82 11.53 16.58
CA LYS A 364 -26.53 10.91 16.84
C LYS A 364 -25.79 11.71 17.90
N SER A 365 -25.68 13.01 17.67
CA SER A 365 -25.00 13.91 18.58
C SER A 365 -25.62 13.92 19.97
N LEU A 366 -26.93 13.66 20.04
CA LEU A 366 -27.62 13.65 21.32
C LEU A 366 -27.29 12.41 22.14
N GLY A 367 -26.91 11.34 21.46
CA GLY A 367 -26.59 10.11 22.15
C GLY A 367 -27.86 9.33 22.41
N TRP A 368 -27.72 8.07 22.78
CA TRP A 368 -28.87 7.22 23.06
C TRP A 368 -28.57 6.26 24.22
N ASN A 369 -29.61 5.69 24.82
CA ASN A 369 -29.46 4.80 25.96
C ASN A 369 -29.48 3.30 25.69
N TYR A 370 -28.83 2.86 24.61
CA TYR A 370 -28.77 1.44 24.29
C TYR A 370 -27.54 1.13 23.44
N GLU A 371 -27.08 -0.11 23.51
CA GLU A 371 -25.91 -0.52 22.72
C GLU A 371 -26.28 -0.64 21.24
N SER A 372 -25.32 -0.37 20.38
CA SER A 372 -25.55 -0.44 18.94
C SER A 372 -24.27 -0.81 18.20
N PHE A 373 -24.41 -1.07 16.89
CA PHE A 373 -23.28 -1.42 16.05
C PHE A 373 -22.45 -0.13 15.94
N PHE A 374 -21.29 -0.10 16.57
CA PHE A 374 -20.47 1.11 16.54
C PHE A 374 -21.32 2.33 16.89
N SER A 375 -21.21 3.40 16.12
CA SER A 375 -21.98 4.60 16.40
C SER A 375 -23.23 4.79 15.56
N VAL A 376 -23.79 3.69 15.05
CA VAL A 376 -25.00 3.79 14.25
C VAL A 376 -26.22 3.48 15.12
N TRP A 377 -26.82 4.53 15.67
CA TRP A 377 -27.96 4.39 16.55
C TRP A 377 -29.13 3.69 15.87
N ILE A 378 -29.10 3.65 14.54
CA ILE A 378 -30.16 3.01 13.77
C ILE A 378 -30.02 1.48 13.80
N MET A 379 -29.01 0.99 14.53
CA MET A 379 -28.80 -0.44 14.62
C MET A 379 -28.50 -0.92 16.04
N PRO A 380 -29.55 -1.03 16.87
CA PRO A 380 -29.39 -1.48 18.26
C PRO A 380 -28.94 -2.94 18.32
N ARG A 381 -27.95 -3.20 19.16
CA ARG A 381 -27.42 -4.55 19.33
C ARG A 381 -28.41 -5.44 20.06
N LEU A 382 -28.48 -6.70 19.63
CA LEU A 382 -29.36 -7.67 20.28
C LEU A 382 -28.64 -8.24 21.51
N ASN A 383 -29.41 -8.65 22.51
CA ASN A 383 -28.82 -9.23 23.71
C ASN A 383 -28.61 -10.71 23.44
N HIS A 384 -27.40 -11.07 23.04
CA HIS A 384 -27.10 -12.47 22.72
C HIS A 384 -27.09 -13.41 23.91
N ASP A 385 -27.05 -12.84 25.12
CA ASP A 385 -27.05 -13.67 26.32
C ASP A 385 -28.44 -14.22 26.58
N ASN A 386 -29.45 -13.52 26.07
CA ASN A 386 -30.84 -13.93 26.26
C ASN A 386 -31.22 -15.15 25.42
N PRO A 387 -31.64 -16.25 26.10
CA PRO A 387 -32.04 -17.50 25.45
C PRO A 387 -33.09 -17.30 24.39
N LYS A 388 -33.92 -16.28 24.55
CA LYS A 388 -34.98 -15.99 23.59
C LYS A 388 -34.40 -15.48 22.27
N VAL A 389 -33.45 -14.57 22.36
CA VAL A 389 -32.80 -14.02 21.17
C VAL A 389 -32.11 -15.15 20.40
N ARG A 390 -31.53 -16.09 21.13
CA ARG A 390 -30.85 -17.21 20.50
C ARG A 390 -31.83 -18.13 19.77
N GLU A 391 -33.01 -18.35 20.37
CA GLU A 391 -34.03 -19.18 19.74
C GLU A 391 -34.55 -18.46 18.51
N PHE A 392 -34.73 -17.15 18.64
CA PHE A 392 -35.21 -16.33 17.54
C PHE A 392 -34.25 -16.46 16.35
N ILE A 393 -32.96 -16.44 16.62
CA ILE A 393 -31.96 -16.56 15.57
C ILE A 393 -32.06 -17.94 14.91
N LYS A 394 -32.12 -19.00 15.72
CA LYS A 394 -32.23 -20.35 15.17
C LYS A 394 -33.51 -20.50 14.34
N ASN A 395 -34.60 -19.87 14.80
CA ASN A 395 -35.86 -19.96 14.08
C ASN A 395 -35.81 -19.25 12.75
N VAL A 396 -35.20 -18.07 12.70
CA VAL A 396 -35.10 -17.36 11.42
C VAL A 396 -34.34 -18.23 10.44
N ILE A 397 -33.18 -18.72 10.88
CA ILE A 397 -32.33 -19.55 10.07
C ILE A 397 -33.02 -20.80 9.52
N LEU A 398 -33.59 -21.59 10.41
CA LEU A 398 -34.28 -22.81 10.00
C LEU A 398 -35.45 -22.51 9.08
N PHE A 399 -36.12 -21.39 9.32
CA PHE A 399 -37.26 -21.00 8.49
C PHE A 399 -36.82 -20.95 7.04
N TRP A 400 -35.71 -20.27 6.76
CA TRP A 400 -35.21 -20.14 5.40
C TRP A 400 -34.53 -21.41 4.90
N THR A 401 -33.87 -22.11 5.80
CA THR A 401 -33.18 -23.36 5.47
C THR A 401 -34.23 -24.34 4.94
N ASN A 402 -35.40 -24.35 5.56
CA ASN A 402 -36.47 -25.25 5.17
C ASN A 402 -37.02 -24.97 3.78
N LYS A 403 -36.93 -23.71 3.34
CA LYS A 403 -37.41 -23.32 2.01
C LYS A 403 -36.47 -23.78 0.90
N GLY A 404 -35.28 -24.25 1.26
CA GLY A 404 -34.35 -24.71 0.24
C GLY A 404 -33.02 -23.97 0.25
N VAL A 405 -32.92 -22.94 1.07
CA VAL A 405 -31.68 -22.18 1.19
C VAL A 405 -30.61 -23.19 1.61
N ASP A 406 -29.43 -23.09 0.99
CA ASP A 406 -28.36 -24.03 1.26
C ASP A 406 -27.36 -23.63 2.35
N GLY A 407 -27.49 -22.42 2.87
CA GLY A 407 -26.59 -22.00 3.92
C GLY A 407 -26.73 -20.55 4.29
N PHE A 408 -25.85 -20.07 5.18
CA PHE A 408 -25.87 -18.69 5.62
C PHE A 408 -24.46 -18.10 5.82
N ARG A 409 -24.35 -16.80 5.54
CA ARG A 409 -23.14 -16.06 5.74
C ARG A 409 -23.56 -15.10 6.85
N MET A 410 -23.01 -15.27 8.06
CA MET A 410 -23.38 -14.43 9.18
C MET A 410 -22.67 -13.09 9.24
N ASP A 411 -23.44 -12.02 9.08
CA ASP A 411 -22.95 -10.65 9.10
C ASP A 411 -22.45 -10.27 10.50
N VAL A 412 -21.25 -9.71 10.59
CA VAL A 412 -20.67 -9.30 11.86
C VAL A 412 -20.59 -10.45 12.84
N ALA A 413 -20.29 -11.64 12.33
CA ALA A 413 -20.19 -12.81 13.19
C ALA A 413 -19.19 -12.60 14.34
N HIS A 414 -18.11 -11.87 14.08
CA HIS A 414 -17.12 -11.66 15.12
C HIS A 414 -17.59 -10.69 16.20
N GLY A 415 -18.80 -10.18 16.04
CA GLY A 415 -19.37 -9.28 17.03
C GLY A 415 -20.41 -10.01 17.87
N VAL A 416 -20.52 -11.32 17.65
CA VAL A 416 -21.46 -12.15 18.38
C VAL A 416 -20.72 -13.26 19.16
N PRO A 417 -21.17 -13.59 20.39
CA PRO A 417 -20.49 -14.63 21.16
C PRO A 417 -20.39 -15.96 20.40
N PRO A 418 -19.20 -16.57 20.39
CA PRO A 418 -19.03 -17.85 19.69
C PRO A 418 -20.10 -18.88 20.07
N GLU A 419 -20.49 -18.87 21.35
CA GLU A 419 -21.49 -19.80 21.84
C GLU A 419 -22.79 -19.76 21.05
N VAL A 420 -23.16 -18.58 20.57
CA VAL A 420 -24.37 -18.44 19.77
C VAL A 420 -24.25 -19.26 18.50
N TRP A 421 -23.10 -19.11 17.84
CA TRP A 421 -22.87 -19.82 16.60
C TRP A 421 -22.71 -21.31 16.84
N LYS A 422 -22.20 -21.69 18.01
CA LYS A 422 -22.07 -23.10 18.32
C LYS A 422 -23.46 -23.74 18.41
N GLU A 423 -24.39 -23.01 19.01
CA GLU A 423 -25.77 -23.48 19.14
C GLU A 423 -26.43 -23.58 17.78
N VAL A 424 -26.22 -22.56 16.95
CA VAL A 424 -26.79 -22.55 15.61
C VAL A 424 -26.26 -23.76 14.85
N ARG A 425 -24.95 -23.96 14.94
CA ARG A 425 -24.34 -25.09 14.26
C ARG A 425 -24.98 -26.42 14.66
N GLU A 426 -25.20 -26.63 15.95
CA GLU A 426 -25.80 -27.88 16.41
C GLU A 426 -27.26 -28.04 15.96
N ALA A 427 -27.95 -26.91 15.80
CA ALA A 427 -29.35 -26.94 15.39
C ALA A 427 -29.57 -27.07 13.87
N LEU A 428 -28.55 -26.74 13.09
CA LEU A 428 -28.63 -26.76 11.63
C LEU A 428 -28.53 -28.13 10.95
N PRO A 429 -29.36 -28.37 9.91
CA PRO A 429 -29.34 -29.63 9.18
C PRO A 429 -27.94 -29.87 8.59
N LYS A 430 -27.52 -31.13 8.57
CA LYS A 430 -26.19 -31.50 8.10
C LYS A 430 -25.67 -30.92 6.78
N GLU A 431 -26.49 -30.91 5.74
CA GLU A 431 -26.05 -30.42 4.43
C GLU A 431 -26.05 -28.90 4.22
N LYS A 432 -26.22 -28.13 5.29
CA LYS A 432 -26.23 -26.67 5.17
C LYS A 432 -24.84 -26.11 5.45
N TYR A 433 -24.41 -25.15 4.63
CA TYR A 433 -23.10 -24.51 4.78
C TYR A 433 -23.25 -23.27 5.67
N LEU A 434 -22.40 -23.16 6.68
CA LEU A 434 -22.46 -22.03 7.59
C LEU A 434 -21.13 -21.30 7.67
N ILE A 435 -21.13 -20.04 7.25
CA ILE A 435 -19.90 -19.26 7.30
C ILE A 435 -20.14 -17.92 7.98
N GLY A 436 -19.07 -17.35 8.52
CA GLY A 436 -19.24 -16.08 9.18
C GLY A 436 -18.26 -15.03 8.73
N GLU A 437 -18.60 -13.79 9.07
CA GLU A 437 -17.75 -12.67 8.76
C GLU A 437 -16.90 -12.41 9.99
N VAL A 438 -15.66 -12.88 9.95
CA VAL A 438 -14.70 -12.65 11.04
C VAL A 438 -13.48 -12.14 10.29
N MET A 439 -13.00 -10.95 10.67
CA MET A 439 -11.91 -10.33 9.96
C MET A 439 -10.48 -10.61 10.38
N ASP A 440 -10.31 -11.44 11.42
CA ASP A 440 -8.95 -11.75 11.87
C ASP A 440 -8.84 -13.24 12.22
N ASP A 441 -7.89 -13.61 13.08
CA ASP A 441 -7.73 -15.02 13.42
C ASP A 441 -9.10 -15.65 13.62
N ALA A 442 -9.36 -16.76 12.94
CA ALA A 442 -10.66 -17.41 13.01
C ALA A 442 -10.74 -18.65 13.90
N ARG A 443 -9.67 -18.96 14.62
CA ARG A 443 -9.68 -20.15 15.45
C ARG A 443 -10.86 -20.30 16.41
N LEU A 444 -11.27 -19.21 17.04
CA LEU A 444 -12.38 -19.25 17.99
C LEU A 444 -13.77 -19.30 17.33
N TRP A 445 -13.80 -19.37 16.00
CA TRP A 445 -15.07 -19.37 15.27
C TRP A 445 -15.28 -20.56 14.35
N LEU A 446 -14.29 -21.44 14.30
CA LEU A 446 -14.36 -22.60 13.41
C LEU A 446 -14.61 -23.93 14.09
N PHE A 447 -14.47 -25.00 13.31
CA PHE A 447 -14.58 -26.37 13.80
C PHE A 447 -15.94 -26.89 14.26
N ASP A 448 -16.43 -26.40 15.40
CA ASP A 448 -17.74 -26.84 15.90
C ASP A 448 -18.74 -25.71 15.82
N LYS A 449 -18.36 -24.67 15.10
CA LYS A 449 -19.23 -23.51 14.90
C LYS A 449 -19.36 -23.33 13.40
N PHE A 450 -18.61 -22.40 12.82
CA PHE A 450 -18.68 -22.19 11.38
C PHE A 450 -17.86 -23.29 10.67
N HIS A 451 -18.24 -23.61 9.43
CA HIS A 451 -17.49 -24.60 8.64
C HIS A 451 -16.23 -23.84 8.25
N GLY A 452 -16.46 -22.59 7.84
CA GLY A 452 -15.38 -21.70 7.46
C GLY A 452 -15.87 -20.28 7.64
N VAL A 453 -15.00 -19.30 7.42
CA VAL A 453 -15.40 -17.90 7.53
C VAL A 453 -14.82 -17.16 6.35
N MET A 454 -15.23 -15.91 6.17
CA MET A 454 -14.69 -15.11 5.09
C MET A 454 -13.23 -15.00 5.46
N ASN A 455 -12.36 -15.56 4.62
CA ASN A 455 -10.93 -15.59 4.90
C ASN A 455 -10.22 -14.23 4.86
N TYR A 456 -10.43 -13.42 5.89
CA TYR A 456 -9.79 -12.11 5.93
C TYR A 456 -8.28 -12.12 6.19
N ARG A 457 -7.78 -13.17 6.84
CA ARG A 457 -6.34 -13.24 7.10
C ARG A 457 -5.63 -13.66 5.82
N LEU A 458 -6.32 -14.43 4.97
CA LEU A 458 -5.73 -14.82 3.69
C LEU A 458 -5.75 -13.55 2.83
N TYR A 459 -6.85 -12.81 2.91
CA TYR A 459 -6.99 -11.57 2.15
C TYR A 459 -5.87 -10.60 2.53
N ASP A 460 -5.57 -10.52 3.83
CA ASP A 460 -4.52 -9.62 4.29
C ASP A 460 -3.16 -9.99 3.68
N ALA A 461 -2.87 -11.28 3.60
CA ALA A 461 -1.60 -11.71 3.02
C ALA A 461 -1.58 -11.40 1.52
N ILE A 462 -2.73 -11.60 0.88
CA ILE A 462 -2.85 -11.36 -0.54
C ILE A 462 -2.69 -9.87 -0.85
N LEU A 463 -3.16 -9.03 0.07
CA LEU A 463 -3.03 -7.58 -0.11
C LEU A 463 -1.57 -7.17 0.01
N ARG A 464 -0.90 -7.68 1.02
CA ARG A 464 0.48 -7.35 1.26
C ARG A 464 1.41 -7.77 0.12
N PHE A 465 1.12 -8.94 -0.48
CA PHE A 465 1.95 -9.42 -1.59
C PHE A 465 1.48 -8.94 -2.97
N PHE A 466 0.27 -9.33 -3.37
CA PHE A 466 -0.24 -8.95 -4.69
C PHE A 466 -0.69 -7.51 -4.80
N GLY A 467 -1.49 -7.06 -3.83
CA GLY A 467 -2.04 -5.72 -3.86
C GLY A 467 -1.06 -4.57 -3.72
N TYR A 468 -0.26 -4.60 -2.66
CA TYR A 468 0.69 -3.52 -2.38
C TYR A 468 2.14 -3.92 -2.58
N GLU A 469 2.38 -5.19 -2.90
CA GLU A 469 3.74 -5.68 -3.12
C GLU A 469 4.69 -5.16 -2.03
N GLU A 470 4.30 -5.39 -0.78
CA GLU A 470 5.07 -4.96 0.39
C GLU A 470 5.94 -6.05 0.99
N ILE A 471 5.59 -7.30 0.73
CA ILE A 471 6.35 -8.43 1.25
C ILE A 471 6.83 -9.32 0.11
N THR A 472 7.82 -10.15 0.41
CA THR A 472 8.40 -11.07 -0.56
C THR A 472 7.55 -12.35 -0.65
N ALA A 473 7.90 -13.22 -1.59
CA ALA A 473 7.15 -14.46 -1.77
C ALA A 473 7.32 -15.36 -0.54
N GLU A 474 8.53 -15.38 0.03
CA GLU A 474 8.77 -16.20 1.20
C GLU A 474 8.00 -15.73 2.42
N GLU A 475 7.81 -14.42 2.57
CA GLU A 475 7.04 -13.91 3.71
C GLU A 475 5.59 -14.26 3.50
N PHE A 476 5.17 -14.22 2.23
CA PHE A 476 3.81 -14.53 1.84
C PHE A 476 3.55 -15.98 2.23
N LEU A 477 4.44 -16.87 1.78
CA LEU A 477 4.34 -18.28 2.09
C LEU A 477 4.17 -18.51 3.58
N ASN A 478 4.99 -17.85 4.39
CA ASN A 478 4.90 -18.03 5.83
C ASN A 478 3.50 -17.69 6.36
N GLU A 479 2.90 -16.64 5.81
CA GLU A 479 1.55 -16.26 6.26
C GLU A 479 0.55 -17.36 5.90
N LEU A 480 0.66 -17.89 4.68
CA LEU A 480 -0.23 -18.95 4.24
C LEU A 480 -0.09 -20.18 5.14
N GLU A 481 1.15 -20.58 5.38
CA GLU A 481 1.41 -21.76 6.22
C GLU A 481 0.92 -21.60 7.65
N LEU A 482 1.01 -20.39 8.21
CA LEU A 482 0.52 -20.14 9.56
C LEU A 482 -0.99 -20.40 9.61
N LEU A 483 -1.69 -19.92 8.58
CA LEU A 483 -3.13 -20.11 8.50
C LEU A 483 -3.42 -21.59 8.42
N SER A 484 -2.61 -22.29 7.64
CA SER A 484 -2.78 -23.73 7.49
C SER A 484 -2.67 -24.41 8.87
N SER A 485 -1.65 -24.04 9.65
CA SER A 485 -1.47 -24.63 10.97
C SER A 485 -2.59 -24.24 11.93
N TYR A 486 -3.02 -22.99 11.87
CA TYR A 486 -4.09 -22.49 12.75
C TYR A 486 -5.47 -23.08 12.46
N TYR A 487 -5.78 -23.21 11.18
CA TYR A 487 -7.08 -23.69 10.75
C TYR A 487 -7.16 -25.18 10.44
N GLY A 488 -6.01 -25.80 10.17
CA GLY A 488 -6.00 -27.22 9.87
C GLY A 488 -7.00 -27.58 8.80
N PRO A 489 -7.80 -28.63 9.01
CA PRO A 489 -8.81 -29.08 8.04
C PRO A 489 -9.84 -28.01 7.65
N ALA A 490 -10.17 -27.12 8.59
CA ALA A 490 -11.14 -26.06 8.31
C ALA A 490 -10.64 -25.14 7.21
N GLU A 491 -9.32 -25.17 6.98
CA GLU A 491 -8.73 -24.33 5.94
C GLU A 491 -9.39 -24.55 4.58
N TYR A 492 -9.80 -25.79 4.30
CA TYR A 492 -10.44 -26.14 3.04
C TYR A 492 -11.89 -25.71 2.91
N LEU A 493 -12.48 -25.24 3.99
CA LEU A 493 -13.87 -24.82 3.98
C LEU A 493 -14.02 -23.30 4.05
N MET A 494 -12.89 -22.60 4.07
CA MET A 494 -12.90 -21.15 4.13
C MET A 494 -13.46 -20.54 2.86
N TYR A 495 -14.02 -19.36 3.00
CA TYR A 495 -14.60 -18.63 1.87
C TYR A 495 -13.52 -17.64 1.40
N ASN A 496 -12.80 -18.01 0.36
CA ASN A 496 -11.72 -17.17 -0.16
C ASN A 496 -12.16 -16.11 -1.17
N PHE A 497 -11.55 -14.93 -1.10
CA PHE A 497 -11.92 -13.83 -1.99
C PHE A 497 -10.80 -12.80 -2.25
N LEU A 498 -10.88 -12.15 -3.39
CA LEU A 498 -9.94 -11.09 -3.77
C LEU A 498 -10.64 -9.75 -3.45
N ASP A 499 -11.97 -9.79 -3.42
CA ASP A 499 -12.78 -8.62 -3.10
C ASP A 499 -14.22 -9.02 -2.78
N ASN A 500 -15.00 -8.06 -2.30
CA ASN A 500 -16.38 -8.30 -1.95
C ASN A 500 -17.08 -6.97 -1.77
N HIS A 501 -18.33 -6.98 -1.31
CA HIS A 501 -19.08 -5.74 -1.14
C HIS A 501 -18.55 -4.75 -0.10
N ASP A 502 -17.61 -5.19 0.73
CA ASP A 502 -17.05 -4.33 1.77
C ASP A 502 -15.66 -3.76 1.52
N VAL A 503 -15.01 -4.17 0.44
CA VAL A 503 -13.67 -3.68 0.13
C VAL A 503 -13.60 -3.17 -1.29
N GLU A 504 -12.48 -2.55 -1.63
CA GLU A 504 -12.28 -2.02 -2.96
C GLU A 504 -12.13 -3.20 -3.92
N ARG A 505 -12.58 -3.03 -5.16
CA ARG A 505 -12.43 -4.08 -6.16
C ARG A 505 -10.92 -4.29 -6.26
N PHE A 506 -10.49 -5.54 -6.31
CA PHE A 506 -9.07 -5.83 -6.37
C PHE A 506 -8.45 -5.23 -7.64
N LEU A 507 -9.24 -5.15 -8.71
CA LEU A 507 -8.76 -4.57 -9.95
C LEU A 507 -8.35 -3.12 -9.72
N ASP A 508 -9.08 -2.41 -8.86
CA ASP A 508 -8.77 -1.00 -8.58
C ASP A 508 -7.55 -0.87 -7.69
N ILE A 509 -7.30 -1.89 -6.87
CA ILE A 509 -6.14 -1.84 -5.99
C ILE A 509 -4.85 -2.00 -6.82
N VAL A 510 -4.79 -3.02 -7.66
CA VAL A 510 -3.57 -3.22 -8.44
C VAL A 510 -3.50 -2.43 -9.75
N GLY A 511 -4.64 -1.90 -10.19
CA GLY A 511 -4.67 -1.12 -11.42
C GLY A 511 -4.47 -1.95 -12.67
N ASP A 512 -3.32 -2.62 -12.76
CA ASP A 512 -2.98 -3.47 -13.90
C ASP A 512 -3.88 -4.68 -14.04
N LYS A 513 -4.53 -4.81 -15.19
CA LYS A 513 -5.37 -5.98 -15.43
C LYS A 513 -4.52 -7.23 -15.49
N ARG A 514 -3.25 -7.08 -15.84
CA ARG A 514 -2.37 -8.25 -15.90
C ARG A 514 -2.02 -8.73 -14.49
N LYS A 515 -2.02 -7.82 -13.51
CA LYS A 515 -1.72 -8.22 -12.13
C LYS A 515 -2.94 -8.90 -11.51
N TYR A 516 -4.13 -8.36 -11.81
CA TYR A 516 -5.36 -8.94 -11.32
C TYR A 516 -5.39 -10.42 -11.71
N VAL A 517 -5.09 -10.69 -12.97
CA VAL A 517 -5.07 -12.06 -13.48
C VAL A 517 -4.17 -12.98 -12.66
N CYS A 518 -3.00 -12.49 -12.26
CA CYS A 518 -2.09 -13.30 -11.47
C CYS A 518 -2.68 -13.61 -10.09
N ALA A 519 -3.43 -12.67 -9.54
CA ALA A 519 -4.05 -12.85 -8.22
C ALA A 519 -5.19 -13.86 -8.37
N LEU A 520 -5.93 -13.75 -9.47
CA LEU A 520 -7.05 -14.65 -9.73
C LEU A 520 -6.53 -16.08 -9.85
N VAL A 521 -5.40 -16.25 -10.52
CA VAL A 521 -4.80 -17.58 -10.67
C VAL A 521 -4.53 -18.16 -9.29
N PHE A 522 -4.02 -17.33 -8.39
CA PHE A 522 -3.75 -17.81 -7.04
C PHE A 522 -5.04 -18.20 -6.34
N LEU A 523 -6.03 -17.32 -6.41
CA LEU A 523 -7.31 -17.57 -5.76
C LEU A 523 -7.95 -18.87 -6.21
N MET A 524 -8.02 -19.07 -7.52
CA MET A 524 -8.65 -20.26 -8.09
C MET A 524 -7.90 -21.57 -7.93
N THR A 525 -6.63 -21.52 -7.53
CA THR A 525 -5.85 -22.75 -7.38
C THR A 525 -5.39 -23.04 -5.95
N TYR A 526 -5.83 -22.24 -5.00
CA TYR A 526 -5.39 -22.45 -3.62
C TYR A 526 -6.40 -23.23 -2.76
N LYS A 527 -5.96 -23.64 -1.57
CA LYS A 527 -6.83 -24.37 -0.64
C LYS A 527 -7.91 -23.42 -0.15
N GLY A 528 -9.16 -23.88 -0.18
CA GLY A 528 -10.26 -23.04 0.25
C GLY A 528 -11.19 -22.79 -0.92
N ILE A 529 -12.41 -22.39 -0.62
CA ILE A 529 -13.42 -22.15 -1.65
C ILE A 529 -13.29 -20.77 -2.32
N PRO A 530 -13.04 -20.76 -3.63
CA PRO A 530 -12.90 -19.50 -4.36
C PRO A 530 -14.25 -18.81 -4.56
N SER A 531 -14.22 -17.49 -4.70
CA SER A 531 -15.44 -16.72 -4.92
C SER A 531 -15.10 -15.48 -5.71
N LEU A 532 -16.10 -14.96 -6.42
CA LEU A 532 -15.96 -13.75 -7.23
C LEU A 532 -17.06 -12.77 -6.82
N PHE A 533 -16.78 -11.48 -6.90
CA PHE A 533 -17.79 -10.48 -6.58
C PHE A 533 -18.38 -10.13 -7.96
N TYR A 534 -19.71 -10.08 -8.05
CA TYR A 534 -20.35 -9.82 -9.34
C TYR A 534 -19.65 -8.71 -10.11
N GLY A 535 -19.37 -8.97 -11.38
CA GLY A 535 -18.70 -8.00 -12.22
C GLY A 535 -17.22 -8.29 -12.40
N ASP A 536 -16.62 -9.00 -11.44
CA ASP A 536 -15.20 -9.30 -11.54
C ASP A 536 -14.87 -10.07 -12.83
N GLU A 537 -15.83 -10.84 -13.32
CA GLU A 537 -15.60 -11.62 -14.55
C GLU A 537 -15.50 -10.75 -15.79
N ILE A 538 -15.94 -9.49 -15.71
CA ILE A 538 -15.84 -8.60 -16.88
C ILE A 538 -14.94 -7.39 -16.65
N GLY A 539 -14.24 -7.35 -15.52
CA GLY A 539 -13.36 -6.23 -15.23
C GLY A 539 -14.07 -4.99 -14.70
N LEU A 540 -15.16 -5.21 -13.98
CA LEU A 540 -15.95 -4.11 -13.43
C LEU A 540 -15.16 -3.36 -12.36
N ARG A 541 -15.06 -2.04 -12.50
CA ARG A 541 -14.35 -1.22 -11.53
C ARG A 541 -15.32 -0.42 -10.68
N GLY A 542 -14.82 0.13 -9.58
CA GLY A 542 -15.66 0.93 -8.72
C GLY A 542 -16.11 2.23 -9.37
N ILE A 543 -17.05 2.91 -8.74
CA ILE A 543 -17.57 4.17 -9.27
C ILE A 543 -17.50 5.27 -8.22
N ASN A 544 -17.46 6.51 -8.70
CA ASN A 544 -17.39 7.65 -7.80
C ASN A 544 -18.80 8.05 -7.34
N LEU A 545 -18.97 8.08 -6.03
CA LEU A 545 -20.24 8.46 -5.43
C LEU A 545 -19.95 9.61 -4.48
N GLN A 546 -20.09 10.83 -5.00
CA GLN A 546 -19.86 12.04 -4.22
C GLN A 546 -18.45 12.10 -3.61
N GLY A 547 -17.45 11.70 -4.38
CA GLY A 547 -16.08 11.74 -3.91
C GLY A 547 -15.59 10.50 -3.20
N MET A 548 -16.46 9.50 -3.06
CA MET A 548 -16.11 8.25 -2.41
C MET A 548 -16.28 7.14 -3.43
N GLU A 549 -15.23 6.37 -3.67
CA GLU A 549 -15.35 5.27 -4.63
C GLU A 549 -16.04 4.09 -3.97
N SER A 550 -17.07 3.59 -4.63
CA SER A 550 -17.80 2.43 -4.13
C SER A 550 -17.50 1.27 -5.06
N SER A 551 -17.27 0.09 -4.47
CA SER A 551 -16.98 -1.09 -5.26
C SER A 551 -18.30 -1.72 -5.68
N ARG A 552 -19.40 -1.16 -5.18
CA ARG A 552 -20.74 -1.66 -5.47
C ARG A 552 -21.30 -1.02 -6.73
N ALA A 553 -20.48 -0.95 -7.77
CA ALA A 553 -20.90 -0.36 -9.02
C ALA A 553 -22.00 -1.21 -9.63
N PRO A 554 -22.91 -0.58 -10.36
CA PRO A 554 -24.01 -1.30 -11.00
C PRO A 554 -23.45 -2.27 -12.03
N MET A 555 -23.97 -3.49 -12.08
CA MET A 555 -23.48 -4.45 -13.06
C MET A 555 -23.73 -3.90 -14.46
N LEU A 556 -22.81 -4.14 -15.38
CA LEU A 556 -22.95 -3.67 -16.75
C LEU A 556 -23.38 -4.83 -17.64
N TRP A 557 -24.45 -4.66 -18.40
CA TRP A 557 -24.91 -5.73 -19.28
C TRP A 557 -24.63 -5.46 -20.75
N ASN A 558 -24.15 -4.26 -21.05
CA ASN A 558 -23.80 -3.92 -22.42
C ASN A 558 -22.43 -4.56 -22.66
N GLU A 559 -22.45 -5.70 -23.34
CA GLU A 559 -21.25 -6.46 -23.61
C GLU A 559 -20.08 -5.78 -24.30
N GLU A 560 -20.31 -4.63 -24.91
CA GLU A 560 -19.20 -3.94 -25.56
C GLU A 560 -18.40 -3.24 -24.47
N GLU A 561 -18.93 -3.26 -23.25
CA GLU A 561 -18.26 -2.64 -22.12
C GLU A 561 -17.48 -3.68 -21.30
N TRP A 562 -17.69 -4.95 -21.61
CA TRP A 562 -17.01 -6.04 -20.90
C TRP A 562 -15.57 -6.20 -21.38
N ASP A 563 -14.71 -6.67 -20.50
CA ASP A 563 -13.34 -6.95 -20.90
C ASP A 563 -13.44 -8.44 -21.19
N GLN A 564 -13.39 -8.77 -22.48
CA GLN A 564 -13.52 -10.16 -22.92
C GLN A 564 -12.35 -11.05 -22.51
N ARG A 565 -11.17 -10.47 -22.34
CA ARG A 565 -10.02 -11.27 -21.94
C ARG A 565 -10.22 -11.78 -20.51
N ILE A 566 -10.57 -10.88 -19.61
CA ILE A 566 -10.79 -11.31 -18.23
C ILE A 566 -11.92 -12.34 -18.16
N LEU A 567 -12.99 -12.12 -18.93
CA LEU A 567 -14.12 -13.05 -18.92
C LEU A 567 -13.66 -14.45 -19.38
N GLU A 568 -12.94 -14.49 -20.49
CA GLU A 568 -12.43 -15.74 -21.02
C GLU A 568 -11.51 -16.40 -19.99
N ILE A 569 -10.57 -15.64 -19.46
CA ILE A 569 -9.64 -16.17 -18.47
C ILE A 569 -10.37 -16.63 -17.23
N THR A 570 -11.40 -15.90 -16.82
CA THR A 570 -12.15 -16.31 -15.64
C THR A 570 -12.90 -17.62 -15.89
N LYS A 571 -13.49 -17.76 -17.07
CA LYS A 571 -14.21 -18.98 -17.42
C LYS A 571 -13.26 -20.17 -17.38
N THR A 572 -12.06 -19.98 -17.92
CA THR A 572 -11.06 -21.05 -17.95
C THR A 572 -10.65 -21.53 -16.55
N LEU A 573 -10.38 -20.59 -15.65
CA LEU A 573 -9.97 -20.95 -14.29
C LEU A 573 -11.10 -21.64 -13.52
N VAL A 574 -12.33 -21.16 -13.72
CA VAL A 574 -13.47 -21.75 -13.03
C VAL A 574 -13.65 -23.18 -13.48
N LYS A 575 -13.48 -23.40 -14.78
CA LYS A 575 -13.61 -24.73 -15.38
C LYS A 575 -12.48 -25.64 -14.92
N ILE A 576 -11.24 -25.13 -14.93
CA ILE A 576 -10.09 -25.91 -14.49
C ILE A 576 -10.25 -26.34 -13.04
N ARG A 577 -10.68 -25.41 -12.19
CA ARG A 577 -10.89 -25.70 -10.78
C ARG A 577 -11.90 -26.81 -10.52
N LYS A 578 -13.13 -26.63 -11.03
CA LYS A 578 -14.19 -27.60 -10.81
C LYS A 578 -13.89 -29.00 -11.30
N ASN A 579 -12.97 -29.13 -12.25
CA ASN A 579 -12.65 -30.43 -12.81
C ASN A 579 -11.28 -30.99 -12.44
N ASN A 580 -10.60 -30.37 -11.48
CA ASN A 580 -9.28 -30.85 -11.12
C ASN A 580 -9.20 -31.31 -9.66
N LYS A 581 -9.21 -32.62 -9.46
CA LYS A 581 -9.16 -33.23 -8.14
C LYS A 581 -8.06 -32.66 -7.23
N ALA A 582 -6.88 -32.43 -7.77
CA ALA A 582 -5.77 -31.89 -6.98
C ALA A 582 -6.09 -30.47 -6.46
N LEU A 583 -6.67 -29.63 -7.31
CA LEU A 583 -7.00 -28.27 -6.89
C LEU A 583 -8.17 -28.29 -5.89
N LEU A 584 -9.00 -29.31 -5.97
CA LEU A 584 -10.15 -29.45 -5.08
C LEU A 584 -9.86 -30.03 -3.71
N PHE A 585 -9.07 -31.09 -3.66
CA PHE A 585 -8.77 -31.78 -2.40
C PHE A 585 -7.30 -31.88 -2.04
N GLY A 586 -6.43 -31.58 -3.00
CA GLY A 586 -5.00 -31.72 -2.78
C GLY A 586 -4.33 -30.93 -1.68
N ASN A 587 -3.25 -31.51 -1.13
CA ASN A 587 -2.48 -30.85 -0.09
C ASN A 587 -1.73 -29.70 -0.76
N PHE A 588 -0.96 -28.95 -0.01
CA PHE A 588 -0.23 -27.81 -0.57
C PHE A 588 1.26 -27.96 -0.31
N VAL A 589 2.03 -28.08 -1.39
CA VAL A 589 3.47 -28.24 -1.26
C VAL A 589 4.20 -27.09 -1.92
N PRO A 590 4.82 -26.22 -1.11
CA PRO A 590 5.56 -25.09 -1.67
C PRO A 590 6.77 -25.63 -2.40
N VAL A 591 6.92 -25.30 -3.67
CA VAL A 591 8.07 -25.79 -4.40
C VAL A 591 9.16 -24.71 -4.40
N LYS A 592 8.75 -23.46 -4.59
CA LYS A 592 9.72 -22.38 -4.63
C LYS A 592 9.06 -21.01 -4.52
N PHE A 593 9.39 -20.29 -3.46
CA PHE A 593 8.85 -18.95 -3.22
C PHE A 593 10.02 -18.00 -3.01
N LYS A 594 10.28 -17.14 -3.98
CA LYS A 594 11.39 -16.21 -3.86
C LYS A 594 11.12 -14.89 -4.55
N ARG A 595 11.23 -13.82 -3.76
CA ARG A 595 11.00 -12.46 -4.21
C ARG A 595 9.58 -12.24 -4.72
N LYS A 596 9.42 -12.24 -6.04
CA LYS A 596 8.09 -12.04 -6.63
C LYS A 596 7.63 -13.24 -7.43
N PHE A 597 8.28 -14.37 -7.21
CA PHE A 597 7.94 -15.59 -7.92
C PHE A 597 7.52 -16.69 -6.96
N MET A 598 6.53 -17.47 -7.35
CA MET A 598 6.09 -18.57 -6.53
C MET A 598 5.64 -19.74 -7.40
N VAL A 599 5.94 -20.94 -6.92
CA VAL A 599 5.56 -22.17 -7.60
C VAL A 599 5.19 -23.15 -6.50
N TYR A 600 4.03 -23.78 -6.63
CA TYR A 600 3.60 -24.74 -5.64
C TYR A 600 2.86 -25.89 -6.29
N LYS A 601 2.65 -26.94 -5.53
CA LYS A 601 2.00 -28.12 -6.02
C LYS A 601 0.82 -28.55 -5.14
N ARG A 602 -0.24 -28.99 -5.78
CA ARG A 602 -1.43 -29.48 -5.07
C ARG A 602 -1.41 -30.99 -5.40
N GLU A 603 -1.51 -31.84 -4.38
CA GLU A 603 -1.47 -33.28 -4.64
C GLU A 603 -2.64 -34.07 -4.04
N HIS A 604 -3.19 -34.99 -4.81
CA HIS A 604 -4.29 -35.81 -4.34
C HIS A 604 -4.28 -37.19 -5.00
N MET A 605 -4.31 -38.23 -4.18
CA MET A 605 -4.31 -39.61 -4.67
C MET A 605 -3.48 -39.84 -5.91
N GLY A 606 -2.22 -39.42 -5.88
CA GLY A 606 -1.34 -39.63 -7.02
C GLY A 606 -1.38 -38.57 -8.10
N GLU A 607 -2.39 -37.70 -8.07
CA GLU A 607 -2.50 -36.64 -9.07
C GLU A 607 -1.81 -35.39 -8.54
N ARG A 608 -1.28 -34.59 -9.45
CA ARG A 608 -0.59 -33.35 -9.08
C ARG A 608 -0.87 -32.24 -10.09
N THR A 609 -1.06 -31.03 -9.58
CA THR A 609 -1.25 -29.86 -10.43
C THR A 609 -0.25 -28.83 -9.91
N ILE A 610 0.67 -28.43 -10.76
CA ILE A 610 1.69 -27.48 -10.39
C ILE A 610 1.30 -26.11 -10.86
N VAL A 611 1.48 -25.12 -9.99
CA VAL A 611 1.12 -23.75 -10.31
C VAL A 611 2.29 -22.78 -10.08
N ALA A 612 2.65 -22.06 -11.13
CA ALA A 612 3.73 -21.09 -11.04
C ALA A 612 3.16 -19.71 -11.38
N ILE A 613 3.51 -18.72 -10.57
CA ILE A 613 3.04 -17.36 -10.82
C ILE A 613 4.22 -16.41 -10.80
N ASN A 614 4.46 -15.73 -11.92
CA ASN A 614 5.56 -14.78 -12.02
C ASN A 614 4.96 -13.39 -11.83
N TYR A 615 5.04 -12.87 -10.61
CA TYR A 615 4.48 -11.56 -10.32
C TYR A 615 5.52 -10.45 -10.43
N SER A 616 6.32 -10.48 -11.50
CA SER A 616 7.33 -9.46 -11.70
C SER A 616 7.19 -8.89 -13.11
N ASN A 617 7.92 -7.81 -13.35
CA ASN A 617 7.88 -7.13 -14.65
C ASN A 617 8.71 -7.80 -15.75
N SER A 618 9.52 -8.79 -15.40
CA SER A 618 10.35 -9.44 -16.41
C SER A 618 10.31 -10.97 -16.39
N ARG A 619 10.60 -11.56 -17.54
CA ARG A 619 10.61 -13.02 -17.70
C ARG A 619 11.51 -13.70 -16.69
N VAL A 620 11.10 -14.88 -16.23
CA VAL A 620 11.88 -15.62 -15.26
C VAL A 620 12.09 -17.06 -15.73
N LYS A 621 13.31 -17.56 -15.61
CA LYS A 621 13.60 -18.93 -16.01
C LYS A 621 13.49 -19.84 -14.79
N GLU A 622 12.46 -20.68 -14.81
CA GLU A 622 12.22 -21.60 -13.72
C GLU A 622 11.45 -22.77 -14.32
N LEU A 623 11.55 -23.94 -13.71
CA LEU A 623 10.86 -25.12 -14.23
C LEU A 623 11.36 -25.41 -15.64
N GLY A 624 12.65 -25.17 -15.87
CA GLY A 624 13.22 -25.41 -17.18
C GLY A 624 12.59 -24.63 -18.32
N ILE A 625 11.62 -23.77 -18.00
CA ILE A 625 10.95 -22.97 -19.01
C ILE A 625 11.18 -21.49 -18.74
N THR A 626 10.55 -20.65 -19.54
CA THR A 626 10.66 -19.21 -19.38
C THR A 626 9.28 -18.62 -19.13
N ILE A 627 8.92 -18.46 -17.86
CA ILE A 627 7.62 -17.91 -17.50
C ILE A 627 7.54 -16.41 -17.75
N PRO A 628 6.63 -15.99 -18.65
CA PRO A 628 6.46 -14.58 -18.99
C PRO A 628 6.16 -13.68 -17.80
N GLU A 629 6.45 -12.38 -17.95
CA GLU A 629 6.20 -11.43 -16.89
C GLU A 629 4.71 -11.42 -16.56
N TYR A 630 4.39 -11.20 -15.29
CA TYR A 630 3.02 -11.16 -14.80
C TYR A 630 2.10 -12.17 -15.44
N SER A 631 2.36 -13.44 -15.18
CA SER A 631 1.53 -14.48 -15.74
C SER A 631 1.63 -15.71 -14.87
N GLY A 632 0.68 -16.61 -15.04
CA GLY A 632 0.67 -17.84 -14.28
C GLY A 632 0.69 -19.03 -15.24
N VAL A 633 1.15 -20.16 -14.75
CA VAL A 633 1.21 -21.37 -15.56
C VAL A 633 0.64 -22.53 -14.76
N ILE A 634 -0.35 -23.20 -15.33
CA ILE A 634 -0.97 -24.34 -14.66
C ILE A 634 -0.60 -25.62 -15.39
N ILE A 635 0.17 -26.46 -14.69
CA ILE A 635 0.65 -27.72 -15.23
C ILE A 635 0.05 -28.90 -14.50
N ASN A 636 -0.54 -29.81 -15.24
CA ASN A 636 -1.11 -31.02 -14.66
C ASN A 636 -1.04 -32.10 -15.72
N GLU A 637 -1.67 -33.24 -15.46
CA GLU A 637 -1.65 -34.32 -16.40
C GLU A 637 -2.07 -33.81 -17.78
N ASP A 638 -1.29 -34.20 -18.79
CA ASP A 638 -1.52 -33.84 -20.18
C ASP A 638 -1.79 -32.36 -20.51
N LYS A 639 -1.22 -31.42 -19.77
CA LYS A 639 -1.45 -30.01 -20.10
C LYS A 639 -0.68 -28.95 -19.33
N VAL A 640 -0.04 -28.06 -20.08
CA VAL A 640 0.72 -26.94 -19.55
C VAL A 640 0.00 -25.70 -20.06
N LYS A 641 -0.80 -25.08 -19.21
CA LYS A 641 -1.59 -23.92 -19.60
C LYS A 641 -1.04 -22.57 -19.12
N LEU A 642 -0.89 -21.65 -20.08
CA LEU A 642 -0.42 -20.31 -19.78
C LEU A 642 -1.64 -19.45 -19.45
N ILE A 643 -1.53 -18.63 -18.41
CA ILE A 643 -2.62 -17.75 -18.01
C ILE A 643 -2.08 -16.34 -17.95
N LYS A 644 -2.40 -15.53 -18.95
CA LYS A 644 -1.95 -14.14 -18.96
C LYS A 644 -2.89 -13.29 -19.81
N TYR A 645 -3.13 -12.07 -19.35
CA TYR A 645 -4.04 -11.14 -20.01
C TYR A 645 -3.82 -11.02 -21.52
N MET B 1 33.41 -4.05 0.99
CA MET B 1 33.94 -3.44 2.25
C MET B 1 33.98 -1.91 2.17
N TYR B 2 33.88 -1.26 3.32
CA TYR B 2 33.92 0.20 3.37
C TYR B 2 34.64 0.64 4.64
N LYS B 3 35.25 1.82 4.59
CA LYS B 3 35.95 2.35 5.75
C LYS B 3 36.07 3.87 5.70
N LEU B 4 35.80 4.52 6.83
CA LEU B 4 35.92 5.97 6.91
C LEU B 4 37.40 6.28 6.95
N VAL B 5 37.96 6.72 5.83
CA VAL B 5 39.38 7.03 5.78
C VAL B 5 39.71 8.30 6.53
N SER B 6 38.82 9.29 6.46
CA SER B 6 39.06 10.56 7.13
C SER B 6 37.87 11.51 7.10
N PHE B 7 38.06 12.70 7.66
CA PHE B 7 37.04 13.73 7.69
C PHE B 7 37.60 15.04 7.15
N ARG B 8 36.76 15.81 6.46
CA ARG B 8 37.18 17.08 5.92
C ARG B 8 36.06 18.09 6.13
N ASP B 9 36.43 19.35 6.32
CA ASP B 9 35.43 20.40 6.50
C ASP B 9 34.60 20.52 5.23
N SER B 10 33.42 21.09 5.36
CA SER B 10 32.53 21.28 4.22
C SER B 10 31.67 22.51 4.48
N GLU B 11 31.68 23.45 3.55
CA GLU B 11 30.89 24.66 3.72
C GLU B 11 29.40 24.36 3.58
N ILE B 12 29.08 23.13 3.19
CA ILE B 12 27.69 22.72 3.03
C ILE B 12 27.20 21.85 4.20
N PHE B 13 27.88 20.73 4.43
CA PHE B 13 27.50 19.80 5.49
C PHE B 13 28.27 19.97 6.79
N GLY B 14 29.04 21.05 6.90
CA GLY B 14 29.82 21.27 8.11
C GLY B 14 31.07 20.44 7.95
N ARG B 15 30.87 19.14 7.83
CA ARG B 15 31.97 18.20 7.62
C ARG B 15 31.37 16.98 6.93
N VAL B 16 32.20 16.32 6.13
CA VAL B 16 31.78 15.12 5.42
C VAL B 16 32.84 14.05 5.66
N ALA B 17 32.44 12.79 5.57
CA ALA B 17 33.39 11.72 5.77
C ALA B 17 33.82 11.13 4.44
N GLU B 18 35.13 11.05 4.23
CA GLU B 18 35.68 10.47 3.00
C GLU B 18 35.61 8.96 3.22
N VAL B 19 34.77 8.27 2.48
CA VAL B 19 34.66 6.83 2.68
C VAL B 19 35.06 5.99 1.48
N GLU B 20 35.85 4.95 1.74
CA GLU B 20 36.34 4.03 0.72
C GLU B 20 35.49 2.78 0.61
N PHE B 21 35.02 2.50 -0.60
CA PHE B 21 34.21 1.32 -0.89
C PHE B 21 35.02 0.43 -1.83
N SER B 22 35.00 -0.87 -1.58
CA SER B 22 35.76 -1.79 -2.44
C SER B 22 35.32 -3.24 -2.30
N LEU B 23 35.63 -4.03 -3.32
CA LEU B 23 35.31 -5.45 -3.32
C LEU B 23 36.21 -6.14 -4.34
N ILE B 24 36.41 -7.44 -4.15
CA ILE B 24 37.25 -8.23 -5.04
C ILE B 24 36.76 -8.15 -6.48
N ARG B 25 37.60 -7.60 -7.36
CA ARG B 25 37.26 -7.45 -8.77
C ARG B 25 36.99 -8.78 -9.46
N GLU B 26 35.86 -8.86 -10.14
CA GLU B 26 35.47 -10.07 -10.85
C GLU B 26 34.51 -9.70 -11.99
N GLY B 27 34.95 -8.78 -12.85
CA GLY B 27 34.11 -8.38 -13.96
C GLY B 27 34.75 -7.39 -14.90
N SER B 28 33.92 -6.72 -15.70
CA SER B 28 34.38 -5.74 -16.68
C SER B 28 34.26 -4.30 -16.18
N TYR B 29 33.15 -3.98 -15.51
CA TYR B 29 32.94 -2.64 -14.97
C TYR B 29 32.16 -2.76 -13.67
N ALA B 30 32.20 -1.73 -12.84
CA ALA B 30 31.49 -1.76 -11.56
C ALA B 30 31.03 -0.39 -11.06
N TYR B 31 29.96 -0.40 -10.25
CA TYR B 31 29.42 0.85 -9.70
C TYR B 31 28.96 0.74 -8.27
N LEU B 32 29.09 1.84 -7.55
CA LEU B 32 28.65 1.91 -6.17
C LEU B 32 27.19 2.34 -6.22
N LEU B 33 26.32 1.63 -5.49
CA LEU B 33 24.90 1.95 -5.44
C LEU B 33 24.52 2.23 -3.98
N GLY B 34 23.57 3.14 -3.78
CA GLY B 34 23.13 3.46 -2.44
C GLY B 34 21.95 4.41 -2.46
N ASP B 35 21.44 4.79 -1.28
CA ASP B 35 20.33 5.73 -1.26
C ASP B 35 20.83 7.10 -1.68
N PHE B 36 22.15 7.28 -1.69
CA PHE B 36 22.70 8.57 -2.11
C PHE B 36 22.56 8.83 -3.60
N ASN B 37 22.25 7.78 -4.37
CA ASN B 37 22.05 7.94 -5.80
C ASN B 37 20.90 7.05 -6.29
N ALA B 38 20.02 6.68 -5.36
CA ALA B 38 18.88 5.83 -5.67
C ALA B 38 19.24 4.49 -6.32
N PHE B 39 20.41 3.96 -5.98
CA PHE B 39 20.82 2.67 -6.51
C PHE B 39 20.90 2.63 -8.02
N ASN B 40 21.49 3.66 -8.61
CA ASN B 40 21.62 3.74 -10.05
C ASN B 40 23.08 3.72 -10.49
N GLU B 41 23.34 3.05 -11.61
CA GLU B 41 24.70 3.01 -12.14
C GLU B 41 24.94 4.35 -12.79
N GLY B 42 26.18 4.60 -13.16
CA GLY B 42 26.54 5.83 -13.84
C GLY B 42 27.10 6.94 -13.00
N SER B 43 26.56 7.12 -11.79
CA SER B 43 27.00 8.20 -10.91
C SER B 43 28.32 8.02 -10.20
N PHE B 44 28.51 6.87 -9.55
CA PHE B 44 29.75 6.62 -8.82
C PHE B 44 30.45 5.37 -9.34
N ARG B 45 31.35 5.59 -10.30
CA ARG B 45 32.08 4.51 -10.94
C ARG B 45 33.31 4.10 -10.14
N MET B 46 33.48 2.79 -9.99
CA MET B 46 34.61 2.23 -9.27
C MET B 46 35.68 1.84 -10.28
N GLU B 47 36.94 2.15 -9.99
CA GLU B 47 38.01 1.80 -10.91
C GLU B 47 38.88 0.70 -10.33
N GLN B 48 39.43 -0.14 -11.19
CA GLN B 48 40.27 -1.23 -10.74
C GLN B 48 41.57 -0.68 -10.16
N GLU B 49 41.87 -1.06 -8.93
CA GLU B 49 43.10 -0.63 -8.27
C GLU B 49 43.69 -1.83 -7.56
N GLY B 50 44.25 -2.74 -8.35
CA GLY B 50 44.86 -3.93 -7.80
C GLY B 50 44.08 -5.18 -8.16
N LYS B 51 43.70 -5.95 -7.14
CA LYS B 51 42.95 -7.18 -7.32
C LYS B 51 41.45 -6.95 -7.13
N ASN B 52 41.07 -5.70 -6.82
CA ASN B 52 39.66 -5.39 -6.58
C ASN B 52 39.24 -3.97 -6.97
N TRP B 53 37.92 -3.76 -7.08
CA TRP B 53 37.36 -2.46 -7.43
C TRP B 53 37.38 -1.53 -6.23
N LYS B 54 37.59 -0.24 -6.47
CA LYS B 54 37.64 0.72 -5.36
C LYS B 54 37.20 2.13 -5.73
N ILE B 55 36.67 2.86 -4.74
CA ILE B 55 36.23 4.23 -4.95
C ILE B 55 36.17 5.01 -3.64
N LYS B 56 36.50 6.30 -3.70
CA LYS B 56 36.42 7.14 -2.51
C LYS B 56 35.31 8.16 -2.74
N ILE B 57 34.32 8.15 -1.84
CA ILE B 57 33.19 9.05 -1.94
C ILE B 57 32.99 9.84 -0.66
N ALA B 58 32.72 11.14 -0.81
CA ALA B 58 32.48 12.02 0.34
C ALA B 58 31.01 11.91 0.70
N LEU B 59 30.74 11.55 1.95
CA LEU B 59 29.36 11.35 2.39
C LEU B 59 29.03 12.04 3.72
N PRO B 60 27.84 12.66 3.82
CA PRO B 60 27.46 13.33 5.07
C PRO B 60 27.28 12.22 6.09
N GLU B 61 27.53 12.50 7.37
CA GLU B 61 27.39 11.48 8.40
C GLU B 61 25.96 10.97 8.47
N GLY B 62 25.83 9.68 8.81
CA GLY B 62 24.52 9.06 8.92
C GLY B 62 24.62 7.61 8.49
N VAL B 63 23.50 6.90 8.55
CA VAL B 63 23.46 5.50 8.14
C VAL B 63 23.04 5.48 6.68
N TRP B 64 23.91 4.96 5.83
CA TRP B 64 23.61 4.88 4.41
C TRP B 64 23.44 3.45 3.98
N HIS B 65 22.59 3.24 2.98
CA HIS B 65 22.35 1.91 2.46
C HIS B 65 23.13 1.81 1.16
N TYR B 66 23.68 0.65 0.86
CA TYR B 66 24.44 0.51 -0.36
C TYR B 66 24.56 -0.92 -0.87
N ALA B 67 25.10 -1.03 -2.07
CA ALA B 67 25.31 -2.31 -2.73
C ALA B 67 26.22 -2.02 -3.90
N PHE B 68 26.45 -3.01 -4.73
CA PHE B 68 27.31 -2.84 -5.88
C PHE B 68 26.65 -3.33 -7.15
N SER B 69 27.19 -2.87 -8.27
CA SER B 69 26.72 -3.31 -9.57
C SER B 69 27.97 -3.79 -10.27
N ILE B 70 27.98 -5.08 -10.61
CA ILE B 70 29.11 -5.67 -11.31
C ILE B 70 28.59 -6.14 -12.66
N ASP B 71 29.10 -5.55 -13.73
CA ASP B 71 28.66 -5.94 -15.07
C ASP B 71 27.14 -5.81 -15.21
N GLY B 72 26.53 -4.90 -14.45
CA GLY B 72 25.10 -4.72 -14.55
C GLY B 72 24.22 -5.57 -13.66
N LYS B 73 24.80 -6.26 -12.68
CA LYS B 73 23.98 -7.08 -11.80
C LYS B 73 24.14 -6.66 -10.36
N PHE B 74 23.01 -6.52 -9.68
CA PHE B 74 22.98 -6.10 -8.28
C PHE B 74 23.75 -7.11 -7.43
N VAL B 75 24.77 -6.64 -6.72
CA VAL B 75 25.57 -7.52 -5.87
C VAL B 75 25.84 -6.92 -4.49
N LEU B 76 25.71 -7.75 -3.46
CA LEU B 76 25.94 -7.32 -2.09
C LEU B 76 27.42 -7.29 -1.73
N ASP B 77 27.76 -6.53 -0.69
CA ASP B 77 29.14 -6.41 -0.23
C ASP B 77 29.47 -7.68 0.53
N PRO B 78 30.28 -8.56 -0.06
CA PRO B 78 30.66 -9.83 0.59
C PRO B 78 31.40 -9.68 1.92
N ASP B 79 32.10 -8.57 2.12
CA ASP B 79 32.85 -8.33 3.35
C ASP B 79 32.04 -7.72 4.49
N ASN B 80 30.90 -7.10 4.15
CA ASN B 80 30.06 -6.46 5.16
C ASN B 80 28.93 -7.38 5.62
N PRO B 81 28.95 -7.79 6.90
CA PRO B 81 27.92 -8.67 7.46
C PRO B 81 26.58 -7.98 7.73
N GLU B 82 26.60 -6.65 7.86
CA GLU B 82 25.38 -5.90 8.11
C GLU B 82 24.56 -5.71 6.84
N ARG B 83 23.46 -6.45 6.77
CA ARG B 83 22.55 -6.41 5.63
C ARG B 83 21.19 -6.01 6.16
N ARG B 84 20.31 -5.56 5.28
CA ARG B 84 18.99 -5.14 5.72
C ARG B 84 18.08 -4.86 4.53
N VAL B 85 16.80 -5.11 4.69
CA VAL B 85 15.84 -4.85 3.62
C VAL B 85 15.52 -3.36 3.61
N TYR B 86 15.92 -2.69 2.54
CA TYR B 86 15.65 -1.26 2.39
C TYR B 86 14.45 -1.11 1.49
N THR B 87 13.49 -0.28 1.89
CA THR B 87 12.30 -0.10 1.06
C THR B 87 11.86 1.36 0.89
N ARG B 88 11.64 1.75 -0.36
CA ARG B 88 11.17 3.08 -0.71
C ARG B 88 10.12 2.89 -1.80
N LYS B 89 8.85 3.03 -1.43
CA LYS B 89 7.78 2.91 -2.39
C LYS B 89 7.88 4.03 -3.42
N GLY B 90 8.50 5.13 -3.01
CA GLY B 90 8.67 6.28 -3.90
C GLY B 90 9.20 5.93 -5.27
N TYR B 91 10.07 4.92 -5.35
CA TYR B 91 10.59 4.50 -6.64
C TYR B 91 10.58 2.98 -6.68
N LYS B 92 9.56 2.42 -6.03
CA LYS B 92 9.33 0.98 -5.97
C LYS B 92 10.56 0.13 -5.64
N PHE B 93 11.31 0.54 -4.62
CA PHE B 93 12.50 -0.20 -4.21
C PHE B 93 12.18 -1.02 -2.98
N HIS B 94 12.51 -2.30 -3.02
CA HIS B 94 12.26 -3.18 -1.90
C HIS B 94 13.12 -4.43 -2.02
N ARG B 95 14.31 -4.39 -1.41
CA ARG B 95 15.22 -5.52 -1.45
C ARG B 95 16.34 -5.39 -0.42
N GLU B 96 17.05 -6.48 -0.19
CA GLU B 96 18.13 -6.49 0.78
C GLU B 96 19.34 -5.72 0.27
N VAL B 97 19.94 -4.92 1.15
CA VAL B 97 21.12 -4.12 0.81
C VAL B 97 22.09 -4.12 1.99
N ASN B 98 23.22 -3.42 1.82
CA ASN B 98 24.21 -3.33 2.87
C ASN B 98 24.06 -2.03 3.65
N VAL B 99 24.52 -2.03 4.89
CA VAL B 99 24.45 -0.86 5.75
C VAL B 99 25.83 -0.27 6.00
N ALA B 100 25.94 1.04 5.90
CA ALA B 100 27.20 1.73 6.13
C ALA B 100 26.98 2.79 7.22
N ARG B 101 27.47 2.49 8.42
CA ARG B 101 27.33 3.40 9.54
C ARG B 101 28.46 4.43 9.47
N ILE B 102 28.14 5.61 8.94
CA ILE B 102 29.13 6.67 8.79
C ILE B 102 28.98 7.77 9.84
N VAL B 103 29.88 7.77 10.82
CA VAL B 103 29.83 8.76 11.88
C VAL B 103 31.15 8.83 12.64
N LYS B 104 31.54 10.03 13.03
CA LYS B 104 32.79 10.22 13.75
C LYS B 104 32.66 9.73 15.19
N SER B 105 33.67 9.00 15.64
CA SER B 105 33.72 8.42 16.98
C SER B 105 33.61 9.40 18.15
N ASP B 106 33.97 10.67 17.93
CA ASP B 106 33.91 11.67 18.99
C ASP B 106 32.58 12.41 19.06
N ASP B 107 31.62 11.97 18.26
CA ASP B 107 30.32 12.63 18.20
C ASP B 107 29.39 12.49 19.40
N LEU B 108 28.74 13.60 19.74
CA LEU B 108 27.78 13.69 20.83
C LEU B 108 26.81 14.83 20.50
N VAL B 109 27.40 15.96 20.09
CA VAL B 109 26.65 17.15 19.70
C VAL B 109 27.48 17.79 18.59
N PHE B 110 26.83 18.20 17.50
CA PHE B 110 27.57 18.80 16.41
C PHE B 110 26.93 20.01 15.73
N HIS B 111 27.78 20.97 15.39
CA HIS B 111 27.37 22.19 14.71
C HIS B 111 28.60 22.99 14.28
N THR B 112 28.60 23.41 13.02
CA THR B 112 29.69 24.20 12.49
C THR B 112 29.07 25.16 11.51
N PRO B 113 29.50 26.42 11.51
CA PRO B 113 28.89 27.34 10.55
C PRO B 113 29.04 26.76 9.13
N SER B 114 27.90 26.51 8.48
CA SER B 114 27.85 25.98 7.13
C SER B 114 26.42 26.08 6.62
N LEU B 115 26.21 25.83 5.33
CA LEU B 115 24.90 25.94 4.70
C LEU B 115 23.75 25.29 5.48
N LEU B 116 23.86 23.99 5.74
CA LEU B 116 22.82 23.25 6.45
C LEU B 116 22.67 23.54 7.94
N TYR B 117 23.72 24.05 8.57
CA TYR B 117 23.66 24.33 10.00
C TYR B 117 23.45 25.79 10.36
N LEU B 118 23.62 26.70 9.41
CA LEU B 118 23.45 28.12 9.71
C LEU B 118 23.20 28.86 8.40
N TYR B 119 21.94 28.93 7.99
CA TYR B 119 21.63 29.60 6.74
C TYR B 119 20.53 30.66 6.89
N GLU B 120 20.41 31.46 5.86
CA GLU B 120 19.40 32.50 5.81
C GLU B 120 18.70 32.39 4.47
N ILE B 121 17.41 32.66 4.47
CA ILE B 121 16.61 32.65 3.26
C ILE B 121 15.32 33.39 3.59
N PHE B 122 14.83 34.16 2.64
CA PHE B 122 13.63 34.95 2.83
C PHE B 122 13.62 35.75 4.14
N GLY B 123 14.77 36.34 4.46
CA GLY B 123 14.88 37.17 5.66
C GLY B 123 14.97 36.53 7.02
N ARG B 124 15.12 35.20 7.09
CA ARG B 124 15.23 34.52 8.37
C ARG B 124 16.43 33.58 8.42
N VAL B 125 16.99 33.43 9.62
CA VAL B 125 18.15 32.57 9.83
C VAL B 125 17.72 31.29 10.51
N HIS B 126 18.17 30.16 9.98
CA HIS B 126 17.86 28.85 10.52
C HIS B 126 19.14 28.26 11.12
N VAL B 127 19.05 27.80 12.36
CA VAL B 127 20.19 27.21 13.06
C VAL B 127 19.88 25.75 13.38
N LEU B 128 20.86 24.87 13.17
CA LEU B 128 20.67 23.45 13.44
C LEU B 128 21.68 22.89 14.41
N LEU B 129 21.23 21.94 15.23
CA LEU B 129 22.12 21.28 16.18
C LEU B 129 21.84 19.78 16.07
N ARG B 130 22.81 19.04 15.57
CA ARG B 130 22.68 17.58 15.41
C ARG B 130 23.23 16.90 16.66
N THR B 131 22.48 15.97 17.21
CA THR B 131 22.91 15.27 18.41
C THR B 131 22.72 13.77 18.32
N GLN B 132 23.48 13.03 19.11
CA GLN B 132 23.39 11.58 19.14
C GLN B 132 21.95 11.26 19.58
N LYS B 133 21.25 10.48 18.77
CA LYS B 133 19.85 10.13 19.02
C LYS B 133 19.46 9.73 20.45
N GLY B 134 18.40 10.36 20.95
CA GLY B 134 17.87 10.07 22.27
C GLY B 134 18.74 10.41 23.49
N VAL B 135 19.88 11.06 23.24
CA VAL B 135 20.79 11.40 24.32
C VAL B 135 20.59 12.81 24.91
N ILE B 136 20.22 13.76 24.07
CA ILE B 136 20.03 15.13 24.51
C ILE B 136 18.56 15.45 24.78
N LYS B 137 18.30 15.98 25.96
CA LYS B 137 16.92 16.31 26.34
C LYS B 137 16.49 17.66 25.79
N GLY B 138 17.38 18.64 25.87
CA GLY B 138 17.05 19.96 25.38
C GLY B 138 18.29 20.76 25.04
N ALA B 139 18.12 21.83 24.28
CA ALA B 139 19.23 22.67 23.89
C ALA B 139 18.73 24.10 23.77
N THR B 140 19.61 25.05 24.09
CA THR B 140 19.26 26.46 24.01
C THR B 140 20.28 27.18 23.12
N PHE B 141 19.77 28.01 22.22
CA PHE B 141 20.64 28.78 21.34
C PHE B 141 21.06 30.01 22.14
N LEU B 142 22.35 30.11 22.43
CA LEU B 142 22.87 31.24 23.20
C LEU B 142 23.43 32.32 22.28
N GLY B 143 22.54 33.16 21.77
CA GLY B 143 22.97 34.25 20.89
C GLY B 143 22.75 35.57 21.59
N GLU B 144 22.42 36.61 20.83
CA GLU B 144 22.18 37.92 21.44
C GLU B 144 21.00 37.74 22.38
N LYS B 145 20.20 36.73 22.08
CA LYS B 145 19.03 36.41 22.89
C LYS B 145 19.03 34.89 23.10
N HIS B 146 18.72 34.46 24.32
CA HIS B 146 18.68 33.05 24.62
C HIS B 146 17.34 32.50 24.19
N VAL B 147 17.33 31.63 23.20
CA VAL B 147 16.09 31.05 22.69
C VAL B 147 16.14 29.54 22.64
N PRO B 148 15.17 28.87 23.29
CA PRO B 148 15.14 27.40 23.29
C PRO B 148 14.98 26.81 21.89
N MET B 149 15.60 25.66 21.67
CA MET B 149 15.55 24.99 20.39
C MET B 149 14.52 23.87 20.45
N ARG B 150 14.02 23.44 19.31
CA ARG B 150 13.02 22.39 19.27
C ARG B 150 13.53 21.15 18.56
N LYS B 151 13.31 19.99 19.18
CA LYS B 151 13.73 18.72 18.58
C LYS B 151 12.70 18.47 17.49
N LYS B 152 13.06 18.71 16.24
CA LYS B 152 12.12 18.58 15.13
C LYS B 152 12.09 17.25 14.40
N ALA B 153 13.22 16.55 14.37
CA ALA B 153 13.26 15.27 13.68
C ALA B 153 14.26 14.32 14.29
N SER B 154 14.20 13.07 13.87
CA SER B 154 15.09 12.07 14.38
C SER B 154 15.39 11.00 13.34
N ASP B 155 16.69 10.70 13.21
CA ASP B 155 17.23 9.71 12.28
C ASP B 155 17.49 8.42 13.03
N GLU B 156 18.25 7.52 12.39
CA GLU B 156 18.62 6.27 13.04
C GLU B 156 19.77 6.57 13.99
N LEU B 157 20.58 7.57 13.63
CA LEU B 157 21.71 7.96 14.46
C LEU B 157 21.56 9.31 15.17
N PHE B 158 20.71 10.19 14.64
CA PHE B 158 20.57 11.53 15.21
C PHE B 158 19.20 12.11 15.53
N ASP B 159 19.25 13.15 16.37
CA ASP B 159 18.08 13.94 16.72
C ASP B 159 18.49 15.28 16.16
N TYR B 160 17.53 16.06 15.67
CA TYR B 160 17.87 17.35 15.11
C TYR B 160 17.14 18.44 15.87
N PHE B 161 17.89 19.41 16.36
CA PHE B 161 17.36 20.54 17.10
C PHE B 161 17.48 21.77 16.21
N GLU B 162 16.43 22.57 16.13
CA GLU B 162 16.42 23.75 15.28
C GLU B 162 15.80 24.98 15.93
N VAL B 163 16.14 26.14 15.42
CA VAL B 163 15.58 27.38 15.91
C VAL B 163 15.68 28.40 14.78
N ILE B 164 14.71 29.30 14.72
CA ILE B 164 14.66 30.34 13.72
C ILE B 164 14.96 31.66 14.43
N VAL B 165 15.82 32.49 13.85
CA VAL B 165 16.17 33.77 14.46
C VAL B 165 16.25 34.88 13.40
N GLU B 166 16.06 36.13 13.83
CA GLU B 166 16.11 37.29 12.94
C GLU B 166 17.39 37.30 12.10
N GLY B 167 17.21 37.40 10.78
CA GLY B 167 18.35 37.41 9.88
C GLY B 167 18.68 38.75 9.26
N GLY B 168 18.07 39.82 9.77
CA GLY B 168 18.35 41.13 9.24
C GLY B 168 19.72 41.59 9.69
N ASP B 169 20.55 40.63 10.08
CA ASP B 169 21.91 40.91 10.55
C ASP B 169 22.93 40.28 9.62
N LYS B 170 24.13 40.04 10.16
CA LYS B 170 25.22 39.44 9.42
C LYS B 170 25.99 38.48 10.33
N ARG B 171 26.97 39.00 11.05
CA ARG B 171 27.77 38.17 11.95
C ARG B 171 27.10 37.89 13.27
N LEU B 172 26.76 36.63 13.49
CA LEU B 172 26.11 36.23 14.72
C LEU B 172 27.13 35.62 15.67
N ASN B 173 27.01 35.98 16.94
CA ASN B 173 27.90 35.44 17.98
C ASN B 173 27.05 34.51 18.80
N TYR B 174 27.42 33.23 18.83
CA TYR B 174 26.62 32.27 19.57
C TYR B 174 27.34 31.01 20.03
N SER B 175 26.65 30.27 20.87
CA SER B 175 27.11 29.00 21.41
C SER B 175 25.81 28.27 21.78
N PHE B 176 25.92 27.06 22.30
CA PHE B 176 24.74 26.29 22.69
C PHE B 176 24.86 25.71 24.09
N GLU B 177 23.74 25.62 24.80
CA GLU B 177 23.69 25.02 26.11
C GLU B 177 22.91 23.73 25.90
N VAL B 178 23.48 22.61 26.35
CA VAL B 178 22.85 21.32 26.16
C VAL B 178 22.49 20.65 27.49
N LEU B 179 21.35 19.95 27.50
CA LEU B 179 20.90 19.25 28.69
C LEU B 179 20.71 17.79 28.29
N THR B 180 21.46 16.90 28.91
CA THR B 180 21.37 15.48 28.58
C THR B 180 20.25 14.87 29.41
N MET B 181 19.81 13.69 28.99
CA MET B 181 18.74 12.96 29.67
C MET B 181 19.03 12.71 31.15
N GLU B 182 20.31 12.53 31.48
CA GLU B 182 20.70 12.29 32.86
C GLU B 182 20.58 13.57 33.68
N GLY B 183 20.79 14.70 33.00
CA GLY B 183 20.73 15.97 33.68
C GLY B 183 22.05 16.70 33.54
N ALA B 184 22.95 16.12 32.77
CA ALA B 184 24.25 16.75 32.55
C ALA B 184 24.01 18.01 31.71
N LYS B 185 24.79 19.05 31.99
CA LYS B 185 24.63 20.29 31.26
C LYS B 185 26.00 20.85 30.89
N PHE B 186 26.13 21.35 29.67
CA PHE B 186 27.39 21.93 29.23
C PHE B 186 27.15 22.88 28.06
N GLU B 187 28.14 23.75 27.83
CA GLU B 187 28.05 24.71 26.75
C GLU B 187 28.91 24.18 25.62
N TYR B 188 28.37 24.20 24.40
CA TYR B 188 29.09 23.69 23.24
C TYR B 188 29.54 24.79 22.31
N GLY B 189 30.84 24.76 21.99
CA GLY B 189 31.45 25.70 21.09
C GLY B 189 31.27 27.18 21.40
N GLN B 190 31.77 28.00 20.50
CA GLN B 190 31.70 29.45 20.58
C GLN B 190 31.87 29.87 19.13
N PHE B 191 30.77 30.21 18.46
CA PHE B 191 30.83 30.56 17.04
C PHE B 191 30.61 32.02 16.70
N LYS B 192 31.30 32.45 15.65
CA LYS B 192 31.22 33.81 15.13
C LYS B 192 31.11 33.65 13.61
N ALA B 193 29.93 33.91 13.07
CA ALA B 193 29.75 33.75 11.64
C ALA B 193 28.48 34.35 11.07
N ARG B 194 28.57 34.71 9.79
CA ARG B 194 27.44 35.26 9.05
C ARG B 194 26.77 34.03 8.43
N PRO B 195 25.44 34.01 8.36
CA PRO B 195 24.79 32.84 7.77
C PRO B 195 25.04 32.61 6.29
N PHE B 196 25.05 31.34 5.90
CA PHE B 196 25.25 30.98 4.51
C PHE B 196 23.90 31.08 3.83
N SER B 197 23.88 30.81 2.53
CA SER B 197 22.64 30.87 1.77
C SER B 197 22.87 30.27 0.40
N ILE B 198 21.81 30.13 -0.37
CA ILE B 198 21.92 29.60 -1.71
C ILE B 198 21.41 30.61 -2.71
N GLU B 199 21.84 30.47 -3.95
CA GLU B 199 21.40 31.36 -5.01
C GLU B 199 20.33 30.60 -5.81
N PHE B 200 19.44 31.33 -6.45
CA PHE B 200 18.40 30.73 -7.27
C PHE B 200 17.56 31.83 -7.93
N PRO B 201 16.95 31.53 -9.08
CA PRO B 201 16.13 32.56 -9.75
C PRO B 201 14.94 32.84 -8.85
N THR B 202 14.67 34.11 -8.58
CA THR B 202 13.56 34.45 -7.71
C THR B 202 12.20 34.14 -8.33
N TRP B 203 12.15 34.00 -9.66
CA TRP B 203 10.89 33.71 -10.32
C TRP B 203 10.34 32.31 -10.04
N VAL B 204 11.20 31.39 -9.63
CA VAL B 204 10.76 30.02 -9.37
C VAL B 204 9.88 29.85 -8.14
N ILE B 205 10.09 30.69 -7.13
CA ILE B 205 9.34 30.61 -5.89
C ILE B 205 7.83 30.77 -5.98
N ASP B 206 7.34 31.60 -6.89
CA ASP B 206 5.90 31.78 -7.00
C ASP B 206 5.31 31.02 -8.18
N ARG B 207 5.99 29.94 -8.54
CA ARG B 207 5.56 29.08 -9.63
C ARG B 207 4.63 27.95 -9.17
N VAL B 208 3.82 27.48 -10.11
CA VAL B 208 2.96 26.33 -9.91
C VAL B 208 3.21 25.63 -11.25
N PHE B 209 3.97 24.55 -11.24
CA PHE B 209 4.29 23.84 -12.46
C PHE B 209 3.18 22.95 -13.02
N TYR B 210 3.22 22.74 -14.33
CA TYR B 210 2.25 21.90 -15.01
C TYR B 210 3.06 21.04 -15.97
N GLN B 211 3.13 19.75 -15.72
CA GLN B 211 3.89 18.86 -16.58
C GLN B 211 3.09 18.39 -17.78
N ILE B 212 3.69 18.49 -18.97
CA ILE B 212 3.04 18.08 -20.21
C ILE B 212 3.85 17.13 -21.08
N MET B 213 3.17 16.10 -21.56
CA MET B 213 3.75 15.14 -22.49
C MET B 213 3.10 15.54 -23.79
N PRO B 214 3.86 16.17 -24.69
CA PRO B 214 3.34 16.62 -25.99
C PRO B 214 2.49 15.60 -26.73
N ASP B 215 2.96 14.37 -26.80
CA ASP B 215 2.21 13.35 -27.52
C ASP B 215 0.80 13.09 -26.99
N LYS B 216 0.56 13.35 -25.71
CA LYS B 216 -0.73 13.08 -25.09
C LYS B 216 -1.62 14.29 -24.84
N PHE B 217 -1.03 15.48 -24.77
CA PHE B 217 -1.78 16.69 -24.46
C PHE B 217 -2.77 17.21 -25.50
N ALA B 218 -2.28 17.75 -26.60
CA ALA B 218 -3.21 18.31 -27.58
C ALA B 218 -2.79 18.20 -29.04
N ARG B 219 -3.66 17.59 -29.83
CA ARG B 219 -3.42 17.43 -31.25
C ARG B 219 -3.85 18.75 -31.90
N SER B 220 -3.01 19.27 -32.78
CA SER B 220 -3.29 20.54 -33.44
C SER B 220 -4.53 20.50 -34.32
N ARG B 221 -5.22 21.63 -34.41
CA ARG B 221 -6.42 21.73 -35.24
C ARG B 221 -6.01 22.18 -36.64
N LYS B 222 -4.77 22.64 -36.77
CA LYS B 222 -4.23 23.06 -38.06
C LYS B 222 -3.52 21.84 -38.68
N ILE B 223 -4.18 21.20 -39.63
CA ILE B 223 -3.64 20.01 -40.30
C ILE B 223 -2.40 20.30 -41.16
N GLN B 224 -1.37 19.47 -41.02
CA GLN B 224 -0.13 19.65 -41.78
C GLN B 224 0.74 18.40 -41.79
N TRP B 234 -0.79 8.44 -29.82
CA TRP B 234 -1.56 9.66 -30.01
C TRP B 234 -0.74 10.71 -30.74
N GLY B 235 -1.40 11.57 -31.49
CA GLY B 235 -0.62 12.56 -32.23
C GLY B 235 -0.54 13.98 -31.68
N GLY B 236 -0.45 14.13 -30.36
CA GLY B 236 -0.35 15.45 -29.79
C GLY B 236 0.94 16.11 -30.24
N ASP B 237 0.93 17.44 -30.36
CA ASP B 237 2.10 18.17 -30.80
C ASP B 237 2.23 19.53 -30.11
N LEU B 238 3.26 20.29 -30.47
CA LEU B 238 3.49 21.59 -29.87
C LEU B 238 2.52 22.68 -30.33
N ILE B 239 1.97 22.53 -31.52
CA ILE B 239 1.02 23.51 -32.03
C ILE B 239 -0.21 23.40 -31.13
N GLY B 240 -0.58 22.17 -30.80
CA GLY B 240 -1.73 21.93 -29.94
C GLY B 240 -1.56 22.55 -28.57
N ILE B 241 -0.37 22.45 -28.00
CA ILE B 241 -0.12 23.04 -26.69
C ILE B 241 -0.40 24.55 -26.77
N LYS B 242 0.05 25.18 -27.86
CA LYS B 242 -0.17 26.61 -28.05
C LYS B 242 -1.66 26.93 -28.19
N GLU B 243 -2.38 26.11 -28.94
CA GLU B 243 -3.81 26.30 -29.12
C GLU B 243 -4.58 26.19 -27.81
N LYS B 244 -3.97 25.52 -26.82
CA LYS B 244 -4.63 25.33 -25.52
C LYS B 244 -4.14 26.28 -24.43
N ILE B 245 -3.35 27.28 -24.80
CA ILE B 245 -2.83 28.21 -23.81
C ILE B 245 -3.90 28.85 -22.93
N ASP B 246 -5.08 29.10 -23.49
CA ASP B 246 -6.14 29.71 -22.69
C ASP B 246 -6.51 28.82 -21.51
N HIS B 247 -6.48 27.51 -21.71
CA HIS B 247 -6.81 26.57 -20.65
C HIS B 247 -5.77 26.65 -19.52
N LEU B 248 -4.52 26.87 -19.87
CA LEU B 248 -3.46 26.96 -18.87
C LEU B 248 -3.60 28.23 -18.03
N VAL B 249 -3.86 29.36 -18.68
CA VAL B 249 -4.00 30.62 -17.95
C VAL B 249 -5.25 30.57 -17.07
N ASN B 250 -6.29 29.92 -17.57
CA ASN B 250 -7.51 29.81 -16.77
C ASN B 250 -7.24 28.97 -15.53
N LEU B 251 -6.41 27.93 -15.66
CA LEU B 251 -6.08 27.09 -14.52
C LEU B 251 -5.27 27.91 -13.54
N GLY B 252 -4.35 28.72 -14.05
CA GLY B 252 -3.53 29.57 -13.20
C GLY B 252 -2.06 29.17 -13.12
N ILE B 253 -1.70 28.04 -13.72
CA ILE B 253 -0.31 27.59 -13.67
C ILE B 253 0.53 28.58 -14.47
N ASN B 254 1.77 28.81 -14.03
CA ASN B 254 2.64 29.77 -14.70
C ASN B 254 4.01 29.23 -15.04
N ALA B 255 4.09 27.91 -15.21
CA ALA B 255 5.35 27.27 -15.55
C ALA B 255 5.04 25.89 -16.08
N ILE B 256 5.75 25.50 -17.11
CA ILE B 256 5.53 24.20 -17.74
C ILE B 256 6.81 23.38 -17.81
N TYR B 257 6.67 22.08 -17.55
CA TYR B 257 7.78 21.16 -17.64
C TYR B 257 7.40 20.25 -18.81
N LEU B 258 8.15 20.36 -19.90
CA LEU B 258 7.91 19.56 -21.08
C LEU B 258 8.78 18.31 -21.13
N THR B 259 8.14 17.26 -21.59
CA THR B 259 8.76 15.96 -21.79
C THR B 259 9.74 16.19 -22.97
N PRO B 260 10.69 15.27 -23.20
CA PRO B 260 11.64 15.46 -24.30
C PRO B 260 11.01 15.85 -25.64
N ILE B 261 11.53 16.90 -26.26
CA ILE B 261 11.01 17.35 -27.56
C ILE B 261 12.03 17.29 -28.68
N PHE B 262 13.23 16.78 -28.40
CA PHE B 262 14.26 16.71 -29.43
C PHE B 262 14.07 15.56 -30.43
N SER B 263 14.67 15.68 -31.60
CA SER B 263 14.56 14.62 -32.60
C SER B 263 14.95 13.34 -31.90
N SER B 264 14.10 12.33 -32.01
CA SER B 264 14.35 11.05 -31.38
C SER B 264 13.88 9.92 -32.27
N LEU B 265 14.38 8.73 -32.01
CA LEU B 265 14.04 7.54 -32.78
C LEU B 265 12.54 7.28 -32.76
N THR B 266 11.91 7.40 -31.60
CA THR B 266 10.48 7.14 -31.48
C THR B 266 9.72 8.24 -30.74
N TYR B 267 8.39 8.18 -30.79
CA TYR B 267 7.55 9.17 -30.13
C TYR B 267 7.76 9.24 -28.62
N HIS B 268 8.47 8.26 -28.07
CA HIS B 268 8.75 8.25 -26.63
C HIS B 268 9.57 9.49 -26.30
N GLY B 269 10.60 9.74 -27.11
CA GLY B 269 11.42 10.91 -26.90
C GLY B 269 12.68 10.79 -26.07
N TYR B 270 12.84 9.70 -25.32
CA TYR B 270 14.04 9.54 -24.50
C TYR B 270 15.21 8.89 -25.25
N ASP B 271 15.01 8.67 -26.55
CA ASP B 271 16.04 8.09 -27.41
C ASP B 271 16.44 9.14 -28.45
N ILE B 272 17.21 10.12 -28.00
CA ILE B 272 17.65 11.23 -28.83
C ILE B 272 18.58 10.87 -29.98
N VAL B 273 18.28 11.38 -31.17
CA VAL B 273 19.12 11.16 -32.34
C VAL B 273 19.74 12.49 -32.79
N ASP B 274 19.20 13.59 -32.28
CA ASP B 274 19.69 14.94 -32.59
C ASP B 274 19.29 15.89 -31.46
N TYR B 275 20.26 16.44 -30.75
CA TYR B 275 19.98 17.35 -29.63
C TYR B 275 19.72 18.82 -29.98
N PHE B 276 19.91 19.21 -31.24
CA PHE B 276 19.73 20.61 -31.61
C PHE B 276 18.52 20.94 -32.47
N HIS B 277 17.55 20.04 -32.52
CA HIS B 277 16.34 20.26 -33.30
C HIS B 277 15.14 19.65 -32.61
N VAL B 278 13.98 20.25 -32.80
CA VAL B 278 12.75 19.76 -32.20
C VAL B 278 12.24 18.65 -33.11
N ALA B 279 11.67 17.61 -32.51
CA ALA B 279 11.16 16.48 -33.27
C ALA B 279 10.10 16.86 -34.31
N ARG B 280 10.25 16.30 -35.51
CA ARG B 280 9.31 16.51 -36.61
C ARG B 280 7.88 16.19 -36.15
N ARG B 281 7.74 15.06 -35.47
CA ARG B 281 6.44 14.62 -34.95
C ARG B 281 5.74 15.72 -34.18
N LEU B 282 6.52 16.49 -33.43
CA LEU B 282 5.97 17.56 -32.61
C LEU B 282 5.71 18.88 -33.31
N GLY B 283 6.04 18.95 -34.60
CA GLY B 283 5.81 20.17 -35.35
C GLY B 283 7.06 20.88 -35.83
N GLY B 284 8.22 20.53 -35.28
CA GLY B 284 9.45 21.16 -35.71
C GLY B 284 9.94 22.32 -34.87
N ASP B 285 11.03 22.94 -35.30
CA ASP B 285 11.61 24.05 -34.57
C ASP B 285 10.74 25.30 -34.57
N ARG B 286 10.05 25.57 -35.68
CA ARG B 286 9.19 26.74 -35.75
C ARG B 286 8.01 26.65 -34.78
N ALA B 287 7.44 25.46 -34.64
CA ALA B 287 6.32 25.27 -33.73
C ALA B 287 6.78 25.63 -32.31
N PHE B 288 7.97 25.18 -31.94
CA PHE B 288 8.52 25.44 -30.62
C PHE B 288 8.81 26.92 -30.39
N VAL B 289 9.30 27.59 -31.43
CA VAL B 289 9.60 29.02 -31.34
C VAL B 289 8.31 29.81 -31.12
N ASP B 290 7.24 29.44 -31.84
CA ASP B 290 5.97 30.13 -31.69
C ASP B 290 5.34 29.83 -30.33
N LEU B 291 5.51 28.60 -29.84
CA LEU B 291 4.96 28.23 -28.54
C LEU B 291 5.64 29.08 -27.48
N LEU B 292 6.96 29.12 -27.53
CA LEU B 292 7.74 29.89 -26.56
C LEU B 292 7.30 31.35 -26.45
N SER B 293 7.28 32.06 -27.58
CA SER B 293 6.92 33.46 -27.53
C SER B 293 5.50 33.69 -27.03
N GLU B 294 4.60 32.76 -27.32
CA GLU B 294 3.21 32.87 -26.89
C GLU B 294 3.15 32.69 -25.36
N LEU B 295 3.91 31.72 -24.85
CA LEU B 295 3.94 31.49 -23.41
C LEU B 295 4.53 32.71 -22.72
N LYS B 296 5.57 33.31 -23.32
CA LYS B 296 6.20 34.50 -22.76
C LYS B 296 5.14 35.58 -22.55
N ARG B 297 4.22 35.71 -23.50
CA ARG B 297 3.16 36.70 -23.42
C ARG B 297 2.36 36.64 -22.11
N PHE B 298 2.24 35.46 -21.53
CA PHE B 298 1.48 35.33 -20.28
C PHE B 298 2.36 34.99 -19.09
N ASP B 299 3.65 35.27 -19.22
CA ASP B 299 4.61 34.98 -18.16
C ASP B 299 4.64 33.52 -17.75
N ILE B 300 4.54 32.63 -18.72
CA ILE B 300 4.62 31.21 -18.37
C ILE B 300 6.01 30.69 -18.70
N LYS B 301 6.71 30.23 -17.66
CA LYS B 301 8.04 29.71 -17.83
C LYS B 301 8.03 28.34 -18.48
N VAL B 302 9.16 27.95 -19.06
CA VAL B 302 9.27 26.66 -19.70
C VAL B 302 10.58 25.97 -19.34
N ILE B 303 10.45 24.71 -18.98
CA ILE B 303 11.60 23.88 -18.62
C ILE B 303 11.55 22.67 -19.53
N LEU B 304 12.69 22.34 -20.12
CA LEU B 304 12.78 21.20 -21.02
C LEU B 304 13.41 20.01 -20.31
N ASP B 305 13.25 18.83 -20.90
CA ASP B 305 13.75 17.59 -20.34
C ASP B 305 15.09 17.23 -21.00
N GLY B 306 16.17 17.32 -20.23
CA GLY B 306 17.49 17.01 -20.73
C GLY B 306 17.86 15.56 -20.51
N VAL B 307 18.07 14.85 -21.61
CA VAL B 307 18.42 13.42 -21.57
C VAL B 307 19.91 13.32 -21.90
N PHE B 308 20.75 13.31 -20.87
CA PHE B 308 22.20 13.27 -21.06
C PHE B 308 22.93 12.08 -20.43
N HIS B 309 22.18 11.12 -19.90
CA HIS B 309 22.80 9.95 -19.32
C HIS B 309 23.16 9.01 -20.46
N HIS B 310 22.37 9.07 -21.53
CA HIS B 310 22.58 8.22 -22.69
C HIS B 310 21.95 8.87 -23.91
N THR B 311 22.21 8.29 -25.07
CA THR B 311 21.65 8.78 -26.32
C THR B 311 21.00 7.55 -26.95
N SER B 312 20.41 7.71 -28.12
CA SER B 312 19.81 6.58 -28.80
C SER B 312 20.91 5.76 -29.42
N PHE B 313 20.65 4.46 -29.59
CA PHE B 313 21.59 3.56 -30.21
C PHE B 313 21.83 4.08 -31.64
N PHE B 314 20.83 4.78 -32.17
CA PHE B 314 20.87 5.31 -33.52
C PHE B 314 21.30 6.75 -33.65
N HIS B 315 21.93 7.30 -32.62
CA HIS B 315 22.42 8.67 -32.69
C HIS B 315 23.66 8.59 -33.58
N PRO B 316 23.82 9.53 -34.52
CA PRO B 316 24.99 9.50 -35.42
C PRO B 316 26.29 9.14 -34.70
N TYR B 317 26.49 9.74 -33.53
CA TYR B 317 27.68 9.50 -32.75
C TYR B 317 27.92 8.03 -32.44
N PHE B 318 26.93 7.38 -31.86
CA PHE B 318 27.10 5.97 -31.54
C PHE B 318 27.16 5.12 -32.80
N GLN B 319 26.41 5.52 -33.82
CA GLN B 319 26.38 4.79 -35.08
C GLN B 319 27.78 4.76 -35.70
N ASP B 320 28.48 5.88 -35.63
CA ASP B 320 29.83 5.97 -36.17
C ASP B 320 30.76 5.02 -35.44
N VAL B 321 30.41 4.70 -34.20
CA VAL B 321 31.22 3.79 -33.39
C VAL B 321 30.91 2.36 -33.80
N VAL B 322 29.66 2.08 -34.12
CA VAL B 322 29.27 0.75 -34.51
C VAL B 322 29.90 0.33 -35.85
N ARG B 323 30.07 1.30 -36.76
CA ARG B 323 30.66 0.96 -38.05
C ARG B 323 32.16 1.14 -38.17
N LYS B 324 32.79 1.81 -37.21
CA LYS B 324 34.23 2.01 -37.26
C LYS B 324 35.00 1.41 -36.10
N GLY B 325 34.32 1.10 -35.00
CA GLY B 325 35.00 0.55 -33.84
C GLY B 325 36.10 1.51 -33.45
N GLU B 326 37.35 1.06 -33.47
CA GLU B 326 38.44 1.97 -33.16
C GLU B 326 38.42 2.94 -34.34
N ASN B 327 39.42 3.80 -34.47
CA ASN B 327 39.45 4.74 -35.60
C ASN B 327 38.26 5.70 -35.51
N SER B 328 37.24 5.30 -34.77
CA SER B 328 36.05 6.12 -34.58
C SER B 328 36.37 7.19 -33.56
N SER B 329 36.29 8.45 -33.97
CA SER B 329 36.59 9.55 -33.06
C SER B 329 35.54 9.69 -31.95
N PHE B 330 34.56 8.81 -31.92
CA PHE B 330 33.51 8.84 -30.90
C PHE B 330 33.57 7.62 -29.99
N LYS B 331 34.65 6.86 -30.11
CA LYS B 331 34.84 5.65 -29.30
C LYS B 331 34.76 5.93 -27.79
N ASN B 332 35.37 7.03 -27.36
CA ASN B 332 35.38 7.41 -25.96
C ASN B 332 34.28 8.37 -25.56
N PHE B 333 33.24 8.43 -26.39
CA PHE B 333 32.11 9.31 -26.10
C PHE B 333 31.13 8.42 -25.33
N TYR B 334 31.34 7.11 -25.45
CA TYR B 334 30.50 6.13 -24.77
C TYR B 334 31.33 5.20 -23.91
N ARG B 335 30.68 4.20 -23.32
CA ARG B 335 31.35 3.25 -22.47
C ARG B 335 31.42 1.88 -23.12
N ILE B 336 32.35 1.72 -24.06
CA ILE B 336 32.52 0.46 -24.76
C ILE B 336 33.31 -0.50 -23.90
N ILE B 337 32.75 -1.67 -23.61
CA ILE B 337 33.42 -2.67 -22.80
C ILE B 337 34.40 -3.49 -23.64
N LYS B 338 33.86 -4.12 -24.68
CA LYS B 338 34.65 -4.94 -25.60
C LYS B 338 34.54 -4.19 -26.93
N PHE B 339 35.65 -3.98 -27.62
CA PHE B 339 35.60 -3.21 -28.85
C PHE B 339 34.89 -3.74 -30.08
N PRO B 340 34.64 -5.04 -30.17
CA PRO B 340 33.92 -5.43 -31.38
C PRO B 340 32.54 -4.74 -31.43
N VAL B 341 32.25 -3.99 -30.37
CA VAL B 341 30.99 -3.30 -30.22
C VAL B 341 29.87 -4.33 -30.23
N VAL B 342 29.07 -4.28 -31.28
CA VAL B 342 28.05 -5.30 -31.50
C VAL B 342 28.54 -6.57 -32.19
N SER B 343 28.00 -7.72 -31.77
CA SER B 343 28.40 -9.00 -32.34
C SER B 343 28.45 -8.98 -33.86
N LYS B 344 29.56 -9.46 -34.40
CA LYS B 344 29.75 -9.52 -35.84
C LYS B 344 28.80 -10.38 -36.66
N GLU B 345 27.87 -9.73 -37.36
CA GLU B 345 26.93 -10.44 -38.25
C GLU B 345 25.83 -11.23 -37.54
N PHE B 346 25.88 -11.28 -36.21
CA PHE B 346 24.89 -12.01 -35.43
C PHE B 346 23.95 -10.90 -34.98
N LEU B 347 24.51 -9.82 -34.43
CA LEU B 347 23.68 -8.71 -33.98
C LEU B 347 23.22 -7.88 -35.18
N GLN B 348 24.11 -7.68 -36.15
CA GLN B 348 23.77 -6.90 -37.33
C GLN B 348 22.77 -7.62 -38.21
N ILE B 349 22.94 -8.92 -38.40
CA ILE B 349 22.04 -9.72 -39.22
C ILE B 349 20.66 -9.76 -38.57
N LEU B 350 20.63 -9.95 -37.26
CA LEU B 350 19.38 -9.98 -36.51
C LEU B 350 18.78 -8.58 -36.56
N HIS B 351 19.63 -7.60 -36.79
CA HIS B 351 19.20 -6.21 -36.85
C HIS B 351 18.78 -5.82 -38.26
N SER B 352 18.98 -6.72 -39.21
CA SER B 352 18.62 -6.46 -40.60
C SER B 352 17.54 -7.41 -41.10
N LYS B 353 17.45 -8.59 -40.49
CA LYS B 353 16.45 -9.57 -40.88
C LYS B 353 14.96 -9.52 -40.58
N SER B 354 14.36 -8.37 -40.83
CA SER B 354 12.93 -8.18 -40.59
C SER B 354 12.57 -8.52 -39.14
N SER B 355 11.69 -9.49 -38.97
CA SER B 355 11.27 -9.92 -37.65
C SER B 355 10.49 -8.84 -36.90
N TRP B 356 10.43 -7.64 -37.47
CA TRP B 356 9.73 -6.54 -36.83
C TRP B 356 9.82 -6.09 -35.38
N GLU B 357 11.04 -5.69 -34.97
CA GLU B 357 11.29 -5.22 -33.60
C GLU B 357 11.26 -6.35 -32.59
N GLU B 358 10.71 -7.50 -32.96
CA GLU B 358 10.68 -8.64 -32.05
C GLU B 358 12.15 -9.05 -31.97
N LYS B 359 12.90 -8.47 -32.90
CA LYS B 359 14.34 -8.67 -33.03
C LYS B 359 15.06 -7.95 -31.91
N TYR B 360 14.33 -7.05 -31.24
CA TYR B 360 14.89 -6.30 -30.13
C TYR B 360 15.12 -7.28 -28.98
N LYS B 361 14.23 -8.26 -28.86
CA LYS B 361 14.31 -9.27 -27.82
C LYS B 361 15.38 -10.30 -28.16
N LYS B 362 15.63 -10.46 -29.45
CA LYS B 362 16.64 -11.41 -29.92
C LYS B 362 18.02 -10.86 -29.60
N ILE B 363 18.22 -9.57 -29.92
CA ILE B 363 19.49 -8.92 -29.66
C ILE B 363 19.70 -8.80 -28.15
N LYS B 364 18.64 -8.44 -27.44
CA LYS B 364 18.69 -8.30 -25.99
C LYS B 364 19.15 -9.61 -25.36
N SER B 365 18.95 -10.72 -26.07
CA SER B 365 19.33 -12.03 -25.58
C SER B 365 20.77 -12.36 -25.95
N LEU B 366 21.26 -11.75 -27.02
CA LEU B 366 22.62 -11.99 -27.48
C LEU B 366 23.62 -11.20 -26.65
N GLY B 367 23.14 -10.13 -26.02
CA GLY B 367 24.00 -9.29 -25.21
C GLY B 367 24.73 -8.33 -26.12
N TRP B 368 25.45 -7.38 -25.52
CA TRP B 368 26.19 -6.40 -26.29
C TRP B 368 27.45 -5.97 -25.52
N ASN B 369 28.38 -5.32 -26.22
CA ASN B 369 29.63 -4.90 -25.61
C ASN B 369 29.77 -3.43 -25.22
N TYR B 370 28.75 -2.88 -24.56
CA TYR B 370 28.81 -1.50 -24.10
C TYR B 370 27.83 -1.26 -22.96
N GLU B 371 28.14 -0.29 -22.11
CA GLU B 371 27.26 0.03 -20.99
C GLU B 371 26.00 0.73 -21.48
N SER B 372 24.88 0.49 -20.80
CA SER B 372 23.63 1.11 -21.20
C SER B 372 22.70 1.31 -20.00
N PHE B 373 21.63 2.04 -20.23
CA PHE B 373 20.63 2.30 -19.19
C PHE B 373 20.01 0.94 -18.88
N PHE B 374 20.33 0.39 -17.71
CA PHE B 374 19.80 -0.92 -17.32
C PHE B 374 19.99 -1.90 -18.48
N SER B 375 18.95 -2.66 -18.82
CA SER B 375 19.07 -3.63 -19.90
C SER B 375 18.49 -3.15 -21.23
N VAL B 376 18.50 -1.83 -21.46
CA VAL B 376 18.00 -1.29 -22.71
C VAL B 376 19.19 -1.02 -23.64
N TRP B 377 19.50 -1.98 -24.49
CA TRP B 377 20.62 -1.85 -25.41
C TRP B 377 20.42 -0.72 -26.40
N ILE B 378 19.19 -0.23 -26.50
CA ILE B 378 18.88 0.87 -27.41
C ILE B 378 19.26 2.21 -26.80
N MET B 379 19.84 2.16 -25.60
CA MET B 379 20.26 3.38 -24.92
C MET B 379 21.66 3.26 -24.31
N PRO B 380 22.70 3.44 -25.14
CA PRO B 380 24.08 3.35 -24.67
C PRO B 380 24.44 4.52 -23.75
N ARG B 381 25.07 4.20 -22.62
CA ARG B 381 25.46 5.22 -21.67
C ARG B 381 26.60 6.06 -22.23
N LEU B 382 26.60 7.35 -21.92
CA LEU B 382 27.65 8.25 -22.36
C LEU B 382 28.80 8.17 -21.35
N ASN B 383 30.01 8.47 -21.81
CA ASN B 383 31.16 8.44 -20.90
C ASN B 383 31.22 9.81 -20.23
N HIS B 384 30.74 9.90 -19.00
CA HIS B 384 30.72 11.18 -18.31
C HIS B 384 32.08 11.65 -17.82
N ASP B 385 33.09 10.78 -17.92
CA ASP B 385 34.44 11.14 -17.50
C ASP B 385 35.14 11.92 -18.58
N ASN B 386 34.72 11.71 -19.83
CA ASN B 386 35.31 12.39 -20.98
C ASN B 386 34.91 13.86 -21.03
N PRO B 387 35.91 14.76 -20.99
CA PRO B 387 35.69 16.21 -21.04
C PRO B 387 34.90 16.65 -22.26
N LYS B 388 34.99 15.86 -23.33
CA LYS B 388 34.27 16.17 -24.55
C LYS B 388 32.76 16.03 -24.33
N VAL B 389 32.36 14.93 -23.72
CA VAL B 389 30.96 14.66 -23.43
C VAL B 389 30.37 15.74 -22.53
N ARG B 390 31.15 16.19 -21.54
CA ARG B 390 30.68 17.24 -20.63
C ARG B 390 30.47 18.57 -21.35
N GLU B 391 31.36 18.90 -22.28
CA GLU B 391 31.26 20.13 -23.06
C GLU B 391 30.01 20.04 -23.93
N PHE B 392 29.81 18.85 -24.51
CA PHE B 392 28.66 18.60 -25.36
C PHE B 392 27.37 18.88 -24.58
N ILE B 393 27.29 18.33 -23.38
CA ILE B 393 26.13 18.55 -22.54
C ILE B 393 25.88 20.04 -22.29
N LYS B 394 26.92 20.76 -21.84
CA LYS B 394 26.79 22.19 -21.59
C LYS B 394 26.39 22.95 -22.86
N ASN B 395 26.92 22.53 -24.00
CA ASN B 395 26.59 23.19 -25.27
C ASN B 395 25.13 22.97 -25.65
N VAL B 396 24.62 21.76 -25.45
CA VAL B 396 23.22 21.51 -25.77
C VAL B 396 22.36 22.41 -24.90
N ILE B 397 22.61 22.37 -23.60
CA ILE B 397 21.86 23.16 -22.64
C ILE B 397 21.83 24.65 -22.94
N LEU B 398 23.01 25.23 -23.12
CA LEU B 398 23.10 26.65 -23.43
C LEU B 398 22.45 26.96 -24.76
N PHE B 399 22.56 26.05 -25.71
CA PHE B 399 21.95 26.24 -27.02
C PHE B 399 20.46 26.54 -26.85
N TRP B 400 19.77 25.73 -26.04
CA TRP B 400 18.33 25.93 -25.83
C TRP B 400 18.05 27.06 -24.84
N THR B 401 18.92 27.20 -23.86
CA THR B 401 18.78 28.25 -22.87
C THR B 401 18.80 29.60 -23.59
N ASN B 402 19.62 29.69 -24.63
CA ASN B 402 19.75 30.92 -25.39
C ASN B 402 18.49 31.27 -26.19
N LYS B 403 17.74 30.24 -26.57
CA LYS B 403 16.52 30.47 -27.31
C LYS B 403 15.39 31.01 -26.44
N GLY B 404 15.58 30.98 -25.12
CA GLY B 404 14.55 31.49 -24.24
C GLY B 404 14.03 30.45 -23.25
N VAL B 405 14.52 29.22 -23.36
CA VAL B 405 14.12 28.17 -22.44
C VAL B 405 14.54 28.69 -21.06
N ASP B 406 13.71 28.45 -20.05
CA ASP B 406 13.97 28.94 -18.70
C ASP B 406 14.70 27.99 -17.76
N GLY B 407 14.89 26.75 -18.18
CA GLY B 407 15.58 25.81 -17.33
C GLY B 407 15.53 24.42 -17.88
N PHE B 408 16.01 23.46 -17.10
CA PHE B 408 16.04 22.05 -17.49
C PHE B 408 15.75 21.10 -16.33
N ARG B 409 15.12 19.99 -16.69
CA ARG B 409 14.82 18.91 -15.76
C ARG B 409 15.71 17.80 -16.32
N MET B 410 16.73 17.40 -15.56
CA MET B 410 17.67 16.38 -16.01
C MET B 410 17.24 14.94 -15.76
N ASP B 411 16.98 14.22 -16.86
CA ASP B 411 16.56 12.82 -16.85
C ASP B 411 17.68 11.93 -16.31
N VAL B 412 17.34 11.03 -15.38
CA VAL B 412 18.30 10.10 -14.80
C VAL B 412 19.51 10.85 -14.24
N ALA B 413 19.26 11.98 -13.59
CA ALA B 413 20.34 12.76 -13.02
C ALA B 413 21.14 11.94 -12.00
N HIS B 414 20.46 11.06 -11.26
CA HIS B 414 21.16 10.24 -10.28
C HIS B 414 22.03 9.16 -10.91
N GLY B 415 22.00 9.07 -12.24
CA GLY B 415 22.82 8.11 -12.95
C GLY B 415 24.04 8.79 -13.53
N VAL B 416 24.18 10.09 -13.27
CA VAL B 416 25.32 10.87 -13.78
C VAL B 416 26.19 11.42 -12.63
N PRO B 417 27.52 11.46 -12.81
CA PRO B 417 28.38 11.97 -11.73
C PRO B 417 27.98 13.38 -11.30
N PRO B 418 27.86 13.61 -9.99
CA PRO B 418 27.48 14.93 -9.49
C PRO B 418 28.35 16.02 -10.11
N GLU B 419 29.63 15.72 -10.29
CA GLU B 419 30.57 16.66 -10.86
C GLU B 419 30.11 17.23 -12.19
N VAL B 420 29.44 16.40 -13.00
CA VAL B 420 28.94 16.86 -14.30
C VAL B 420 27.91 17.97 -14.06
N TRP B 421 27.04 17.75 -13.09
CA TRP B 421 26.00 18.73 -12.80
C TRP B 421 26.59 19.98 -12.16
N LYS B 422 27.68 19.83 -11.41
CA LYS B 422 28.30 20.99 -10.80
C LYS B 422 28.82 21.92 -11.90
N GLU B 423 29.47 21.32 -12.91
CA GLU B 423 30.00 22.08 -14.04
C GLU B 423 28.87 22.77 -14.79
N VAL B 424 27.78 22.05 -15.00
CA VAL B 424 26.63 22.60 -15.72
C VAL B 424 26.13 23.83 -14.97
N ARG B 425 25.98 23.68 -13.66
CA ARG B 425 25.50 24.77 -12.84
C ARG B 425 26.39 26.01 -12.97
N GLU B 426 27.71 25.83 -12.94
CA GLU B 426 28.61 26.97 -13.06
C GLU B 426 28.53 27.61 -14.46
N ALA B 427 28.24 26.81 -15.47
CA ALA B 427 28.14 27.32 -16.84
C ALA B 427 26.81 28.05 -17.13
N LEU B 428 25.74 27.55 -16.52
CA LEU B 428 24.39 28.09 -16.72
C LEU B 428 24.13 29.53 -16.28
N PRO B 429 23.45 30.33 -17.11
CA PRO B 429 23.13 31.73 -16.78
C PRO B 429 22.33 31.75 -15.48
N LYS B 430 22.48 32.83 -14.70
CA LYS B 430 21.83 32.97 -13.40
C LYS B 430 20.32 32.74 -13.26
N GLU B 431 19.52 33.28 -14.19
CA GLU B 431 18.07 33.14 -14.08
C GLU B 431 17.46 31.83 -14.57
N LYS B 432 18.29 30.83 -14.84
CA LYS B 432 17.81 29.53 -15.32
C LYS B 432 17.63 28.57 -14.14
N TYR B 433 16.54 27.81 -14.16
CA TYR B 433 16.20 26.85 -13.13
C TYR B 433 16.74 25.48 -13.56
N LEU B 434 17.50 24.84 -12.68
CA LEU B 434 18.09 23.53 -12.97
C LEU B 434 17.65 22.50 -11.94
N ILE B 435 16.90 21.51 -12.40
CA ILE B 435 16.45 20.46 -11.49
C ILE B 435 16.76 19.10 -12.06
N GLY B 436 16.84 18.10 -11.20
CA GLY B 436 17.15 16.79 -11.69
C GLY B 436 16.25 15.72 -11.15
N GLU B 437 16.33 14.56 -11.81
CA GLU B 437 15.57 13.39 -11.40
C GLU B 437 16.50 12.54 -10.53
N VAL B 438 16.28 12.61 -9.22
CA VAL B 438 17.04 11.82 -8.25
C VAL B 438 15.92 11.28 -7.37
N MET B 439 15.84 9.95 -7.26
CA MET B 439 14.76 9.33 -6.52
C MET B 439 14.91 9.06 -5.04
N ASP B 440 16.05 9.41 -4.47
CA ASP B 440 16.27 9.20 -3.04
C ASP B 440 16.97 10.41 -2.43
N ASP B 441 17.64 10.22 -1.30
CA ASP B 441 18.32 11.34 -0.64
C ASP B 441 19.00 12.21 -1.68
N ALA B 442 18.68 13.50 -1.68
CA ALA B 442 19.23 14.41 -2.67
C ALA B 442 20.38 15.30 -2.21
N ARG B 443 20.92 15.03 -1.03
CA ARG B 443 22.00 15.87 -0.53
C ARG B 443 23.21 16.02 -1.44
N LEU B 444 23.61 14.94 -2.10
CA LEU B 444 24.77 14.97 -2.99
C LEU B 444 24.47 15.61 -4.35
N TRP B 445 23.24 16.08 -4.54
CA TRP B 445 22.84 16.66 -5.82
C TRP B 445 22.35 18.09 -5.76
N LEU B 446 22.33 18.66 -4.56
CA LEU B 446 21.81 20.01 -4.38
C LEU B 446 22.86 21.09 -4.12
N PHE B 447 22.36 22.29 -3.80
CA PHE B 447 23.19 23.43 -3.41
C PHE B 447 24.07 24.11 -4.45
N ASP B 448 25.11 23.41 -4.92
CA ASP B 448 26.01 24.00 -5.92
C ASP B 448 25.86 23.27 -7.24
N LYS B 449 24.86 22.39 -7.28
CA LYS B 449 24.55 21.61 -8.47
C LYS B 449 23.12 21.99 -8.86
N PHE B 450 22.14 21.14 -8.55
CA PHE B 450 20.75 21.45 -8.87
C PHE B 450 20.21 22.46 -7.84
N HIS B 451 19.24 23.28 -8.25
CA HIS B 451 18.60 24.23 -7.33
C HIS B 451 17.74 23.33 -6.45
N GLY B 452 17.11 22.37 -7.11
CA GLY B 452 16.26 21.41 -6.45
C GLY B 452 16.16 20.19 -7.34
N VAL B 453 15.48 19.15 -6.87
CA VAL B 453 15.29 17.96 -7.68
C VAL B 453 13.85 17.51 -7.53
N MET B 454 13.43 16.56 -8.36
CA MET B 454 12.07 16.04 -8.24
C MET B 454 12.08 15.43 -6.84
N ASN B 455 11.21 15.92 -5.97
CA ASN B 455 11.17 15.47 -4.58
C ASN B 455 10.63 14.06 -4.36
N TYR B 456 11.43 13.05 -4.67
CA TYR B 456 10.97 11.68 -4.48
C TYR B 456 10.90 11.22 -3.03
N ARG B 457 11.67 11.85 -2.13
CA ARG B 457 11.62 11.45 -0.73
C ARG B 457 10.36 12.03 -0.08
N LEU B 458 9.90 13.18 -0.56
CA LEU B 458 8.67 13.76 -0.05
C LEU B 458 7.53 12.91 -0.62
N TYR B 459 7.66 12.52 -1.88
CA TYR B 459 6.66 11.68 -2.53
C TYR B 459 6.51 10.38 -1.75
N ASP B 460 7.64 9.79 -1.36
CA ASP B 460 7.61 8.55 -0.58
C ASP B 460 6.83 8.75 0.72
N ALA B 461 7.01 9.89 1.36
CA ALA B 461 6.32 10.16 2.61
C ALA B 461 4.82 10.35 2.35
N ILE B 462 4.52 11.04 1.26
CA ILE B 462 3.13 11.29 0.88
C ILE B 462 2.46 9.98 0.53
N LEU B 463 3.20 9.07 -0.11
CA LEU B 463 2.62 7.78 -0.47
C LEU B 463 2.26 7.00 0.80
N ARG B 464 3.20 6.93 1.73
CA ARG B 464 3.00 6.20 2.96
C ARG B 464 1.82 6.69 3.79
N PHE B 465 1.64 8.01 3.86
CA PHE B 465 0.55 8.56 4.65
C PHE B 465 -0.77 8.71 3.86
N PHE B 466 -0.75 9.48 2.78
CA PHE B 466 -1.97 9.68 2.00
C PHE B 466 -2.34 8.51 1.11
N GLY B 467 -1.36 8.02 0.36
CA GLY B 467 -1.61 6.94 -0.58
C GLY B 467 -2.01 5.59 -0.01
N TYR B 468 -1.16 5.05 0.86
CA TYR B 468 -1.41 3.75 1.45
C TYR B 468 -1.83 3.78 2.90
N GLU B 469 -1.86 4.98 3.48
CA GLU B 469 -2.25 5.15 4.88
C GLU B 469 -1.59 4.09 5.76
N GLU B 470 -0.27 3.98 5.65
CA GLU B 470 0.54 3.01 6.40
C GLU B 470 1.18 3.60 7.65
N ILE B 471 1.34 4.91 7.67
CA ILE B 471 1.96 5.57 8.81
C ILE B 471 1.04 6.61 9.41
N THR B 472 1.35 7.01 10.63
CA THR B 472 0.58 8.00 11.36
C THR B 472 1.01 9.42 10.97
N ALA B 473 0.23 10.41 11.40
CA ALA B 473 0.56 11.80 11.10
C ALA B 473 1.91 12.16 11.71
N GLU B 474 2.15 11.72 12.94
CA GLU B 474 3.41 12.01 13.60
C GLU B 474 4.60 11.40 12.88
N GLU B 475 4.44 10.19 12.34
CA GLU B 475 5.54 9.55 11.62
C GLU B 475 5.78 10.31 10.32
N PHE B 476 4.70 10.79 9.72
CA PHE B 476 4.76 11.55 8.48
C PHE B 476 5.54 12.84 8.75
N LEU B 477 5.18 13.51 9.84
CA LEU B 477 5.84 14.75 10.25
C LEU B 477 7.34 14.55 10.38
N ASN B 478 7.74 13.45 11.00
CA ASN B 478 9.16 13.20 11.19
C ASN B 478 9.88 13.10 9.85
N GLU B 479 9.24 12.48 8.86
CA GLU B 479 9.85 12.34 7.53
C GLU B 479 10.02 13.71 6.88
N LEU B 480 9.04 14.58 7.03
CA LEU B 480 9.10 15.91 6.45
C LEU B 480 10.24 16.69 7.10
N GLU B 481 10.27 16.67 8.42
CA GLU B 481 11.28 17.40 9.17
C GLU B 481 12.70 16.92 8.84
N LEU B 482 12.86 15.61 8.63
CA LEU B 482 14.16 15.07 8.27
C LEU B 482 14.64 15.68 6.94
N LEU B 483 13.71 15.79 5.99
CA LEU B 483 14.03 16.36 4.69
C LEU B 483 14.38 17.81 4.87
N SER B 484 13.68 18.48 5.77
CA SER B 484 13.96 19.88 6.02
C SER B 484 15.41 20.03 6.54
N SER B 485 15.81 19.18 7.48
CA SER B 485 17.17 19.22 8.02
C SER B 485 18.21 18.83 6.96
N TYR B 486 17.89 17.84 6.14
CA TYR B 486 18.79 17.38 5.09
C TYR B 486 19.01 18.38 3.95
N TYR B 487 17.93 19.04 3.54
CA TYR B 487 17.98 19.97 2.41
C TYR B 487 18.11 21.45 2.76
N GLY B 488 17.81 21.80 4.01
CA GLY B 488 17.92 23.18 4.42
C GLY B 488 17.21 24.10 3.44
N PRO B 489 17.83 25.22 3.07
CA PRO B 489 17.25 26.19 2.13
C PRO B 489 16.83 25.62 0.78
N ALA B 490 17.54 24.59 0.31
CA ALA B 490 17.23 23.97 -0.98
C ALA B 490 15.83 23.33 -0.95
N GLU B 491 15.33 23.10 0.26
CA GLU B 491 14.02 22.49 0.41
C GLU B 491 12.93 23.31 -0.31
N TYR B 492 13.11 24.62 -0.34
CA TYR B 492 12.15 25.54 -0.97
C TYR B 492 12.24 25.56 -2.50
N LEU B 493 13.28 24.96 -3.05
CA LEU B 493 13.46 24.93 -4.49
C LEU B 493 13.13 23.58 -5.09
N MET B 494 12.75 22.63 -4.24
CA MET B 494 12.41 21.29 -4.70
C MET B 494 11.18 21.31 -5.61
N TYR B 495 11.12 20.34 -6.51
CA TYR B 495 10.00 20.22 -7.43
C TYR B 495 9.06 19.17 -6.84
N ASN B 496 8.01 19.62 -6.15
CA ASN B 496 7.07 18.72 -5.49
C ASN B 496 5.94 18.23 -6.40
N PHE B 497 5.55 16.97 -6.22
CA PHE B 497 4.50 16.37 -7.05
C PHE B 497 3.71 15.26 -6.35
N LEU B 498 2.47 15.05 -6.81
CA LEU B 498 1.64 13.97 -6.29
C LEU B 498 1.72 12.85 -7.34
N ASP B 499 2.12 13.22 -8.56
CA ASP B 499 2.29 12.27 -9.64
C ASP B 499 3.01 12.91 -10.82
N ASN B 500 3.39 12.08 -11.78
CA ASN B 500 4.09 12.55 -12.96
C ASN B 500 4.06 11.46 -14.02
N HIS B 501 4.78 11.65 -15.13
CA HIS B 501 4.76 10.65 -16.19
C HIS B 501 5.36 9.28 -15.87
N ASP B 502 6.04 9.17 -14.74
CA ASP B 502 6.66 7.89 -14.36
C ASP B 502 5.96 7.08 -13.27
N VAL B 503 4.91 7.63 -12.67
CA VAL B 503 4.20 6.91 -11.61
C VAL B 503 2.71 6.89 -11.88
N GLU B 504 2.00 6.12 -11.06
CA GLU B 504 0.55 6.04 -11.19
C GLU B 504 -0.05 7.40 -10.83
N ARG B 505 -1.17 7.75 -11.46
CA ARG B 505 -1.85 9.00 -11.14
C ARG B 505 -2.22 8.84 -9.67
N PHE B 506 -2.06 9.90 -8.88
CA PHE B 506 -2.36 9.79 -7.47
C PHE B 506 -3.84 9.48 -7.25
N LEU B 507 -4.70 9.96 -8.14
CA LEU B 507 -6.13 9.69 -8.03
C LEU B 507 -6.40 8.19 -8.11
N ASP B 508 -5.61 7.46 -8.91
CA ASP B 508 -5.82 6.02 -9.03
C ASP B 508 -5.31 5.28 -7.81
N ILE B 509 -4.32 5.85 -7.14
CA ILE B 509 -3.78 5.21 -5.95
C ILE B 509 -4.79 5.30 -4.80
N VAL B 510 -5.28 6.50 -4.51
CA VAL B 510 -6.23 6.63 -3.42
C VAL B 510 -7.69 6.30 -3.76
N GLY B 511 -8.01 6.26 -5.05
CA GLY B 511 -9.36 5.95 -5.47
C GLY B 511 -10.36 7.06 -5.19
N ASP B 512 -10.55 7.38 -3.92
CA ASP B 512 -11.48 8.43 -3.50
C ASP B 512 -11.05 9.82 -3.99
N LYS B 513 -11.93 10.48 -4.73
CA LYS B 513 -11.64 11.81 -5.20
C LYS B 513 -11.54 12.75 -4.00
N ARG B 514 -12.23 12.41 -2.92
CA ARG B 514 -12.18 13.25 -1.73
C ARG B 514 -10.82 13.14 -1.05
N LYS B 515 -10.16 11.99 -1.18
CA LYS B 515 -8.84 11.81 -0.58
C LYS B 515 -7.80 12.57 -1.40
N TYR B 516 -7.94 12.51 -2.73
CA TYR B 516 -7.04 13.20 -3.64
C TYR B 516 -7.00 14.66 -3.24
N VAL B 517 -8.18 15.24 -3.03
CA VAL B 517 -8.30 16.65 -2.65
C VAL B 517 -7.48 16.98 -1.39
N CYS B 518 -7.53 16.10 -0.39
CA CYS B 518 -6.75 16.33 0.83
C CYS B 518 -5.26 16.33 0.54
N ALA B 519 -4.82 15.48 -0.38
CA ALA B 519 -3.42 15.39 -0.75
C ALA B 519 -3.02 16.65 -1.50
N LEU B 520 -3.89 17.11 -2.40
CA LEU B 520 -3.62 18.32 -3.17
C LEU B 520 -3.45 19.51 -2.24
N VAL B 521 -4.32 19.60 -1.23
CA VAL B 521 -4.24 20.70 -0.27
C VAL B 521 -2.85 20.70 0.35
N PHE B 522 -2.35 19.52 0.69
CA PHE B 522 -1.03 19.45 1.30
C PHE B 522 0.02 19.92 0.30
N LEU B 523 -0.08 19.43 -0.94
CA LEU B 523 0.88 19.80 -1.97
C LEU B 523 0.94 21.30 -2.19
N MET B 524 -0.22 21.93 -2.37
CA MET B 524 -0.28 23.35 -2.64
C MET B 524 0.05 24.30 -1.49
N THR B 525 0.18 23.77 -0.28
CA THR B 525 0.47 24.63 0.87
C THR B 525 1.77 24.30 1.59
N TYR B 526 2.56 23.40 1.03
CA TYR B 526 3.80 23.03 1.68
C TYR B 526 5.03 23.73 1.09
N LYS B 527 6.16 23.61 1.80
CA LYS B 527 7.41 24.20 1.35
C LYS B 527 7.85 23.45 0.11
N GLY B 528 8.25 24.20 -0.93
CA GLY B 528 8.65 23.58 -2.17
C GLY B 528 7.70 23.97 -3.27
N ILE B 529 8.16 23.82 -4.51
CA ILE B 529 7.37 24.18 -5.68
C ILE B 529 6.36 23.10 -6.07
N PRO B 530 5.07 23.43 -6.02
CA PRO B 530 4.01 22.49 -6.38
C PRO B 530 3.95 22.31 -7.89
N SER B 531 3.47 21.15 -8.32
CA SER B 531 3.34 20.88 -9.74
C SER B 531 2.18 19.94 -9.96
N LEU B 532 1.60 19.99 -11.15
CA LEU B 532 0.48 19.14 -11.53
C LEU B 532 0.84 18.41 -12.81
N PHE B 533 0.36 17.18 -12.97
CA PHE B 533 0.60 16.42 -14.20
C PHE B 533 -0.67 16.69 -15.03
N TYR B 534 -0.49 17.01 -16.32
CA TYR B 534 -1.64 17.35 -17.17
C TYR B 534 -2.81 16.39 -16.97
N GLY B 535 -3.99 16.96 -16.75
CA GLY B 535 -5.18 16.15 -16.55
C GLY B 535 -5.57 16.09 -15.09
N ASP B 536 -4.60 16.23 -14.19
CA ASP B 536 -4.92 16.16 -12.77
C ASP B 536 -5.99 17.18 -12.40
N GLU B 537 -6.04 18.29 -13.14
CA GLU B 537 -7.02 19.34 -12.85
C GLU B 537 -8.45 18.97 -13.22
N ILE B 538 -8.64 17.89 -13.98
CA ILE B 538 -9.98 17.45 -14.36
C ILE B 538 -10.31 16.05 -13.86
N GLY B 539 -9.41 15.45 -13.10
CA GLY B 539 -9.65 14.11 -12.58
C GLY B 539 -9.31 13.01 -13.57
N LEU B 540 -8.31 13.26 -14.41
CA LEU B 540 -7.90 12.30 -15.42
C LEU B 540 -7.27 11.06 -14.79
N ARG B 541 -7.73 9.88 -15.20
CA ARG B 541 -7.22 8.62 -14.65
C ARG B 541 -6.42 7.85 -15.69
N GLY B 542 -5.67 6.86 -15.21
CA GLY B 542 -4.88 6.04 -16.11
C GLY B 542 -5.74 5.23 -17.05
N ILE B 543 -5.11 4.64 -18.06
CA ILE B 543 -5.83 3.82 -19.03
C ILE B 543 -5.16 2.48 -19.19
N ASN B 544 -5.94 1.49 -19.59
CA ASN B 544 -5.43 0.15 -19.79
C ASN B 544 -4.81 0.00 -21.17
N LEU B 545 -3.56 -0.44 -21.20
CA LEU B 545 -2.85 -0.65 -22.46
C LEU B 545 -2.25 -2.05 -22.41
N GLN B 546 -2.91 -3.00 -23.04
CA GLN B 546 -2.45 -4.38 -23.08
C GLN B 546 -2.33 -4.98 -21.67
N GLY B 547 -3.24 -4.59 -20.77
CA GLY B 547 -3.21 -5.13 -19.42
C GLY B 547 -2.36 -4.35 -18.44
N MET B 548 -1.75 -3.27 -18.90
CA MET B 548 -0.92 -2.44 -18.04
C MET B 548 -1.55 -1.06 -18.00
N GLU B 549 -1.77 -0.53 -16.80
CA GLU B 549 -2.35 0.80 -16.68
C GLU B 549 -1.26 1.84 -16.85
N SER B 550 -1.48 2.77 -17.78
CA SER B 550 -0.53 3.84 -18.01
C SER B 550 -1.12 5.14 -17.49
N SER B 551 -0.30 5.92 -16.80
CA SER B 551 -0.77 7.20 -16.27
C SER B 551 -0.73 8.25 -17.37
N ARG B 552 -0.13 7.90 -18.50
CA ARG B 552 -0.01 8.81 -19.63
C ARG B 552 -1.24 8.76 -20.53
N ALA B 553 -2.41 8.80 -19.91
CA ALA B 553 -3.65 8.77 -20.64
C ALA B 553 -3.75 10.02 -21.48
N PRO B 554 -4.41 9.92 -22.64
CA PRO B 554 -4.58 11.06 -23.54
C PRO B 554 -5.43 12.13 -22.85
N MET B 555 -5.06 13.39 -23.00
CA MET B 555 -5.83 14.46 -22.37
C MET B 555 -7.23 14.47 -22.97
N LEU B 556 -8.22 14.81 -22.14
CA LEU B 556 -9.61 14.87 -22.59
C LEU B 556 -10.02 16.34 -22.73
N TRP B 557 -10.57 16.71 -23.88
CA TRP B 557 -11.00 18.08 -24.07
C TRP B 557 -12.51 18.23 -24.11
N ASN B 558 -13.21 17.12 -24.02
CA ASN B 558 -14.66 17.16 -23.99
C ASN B 558 -15.00 17.47 -22.54
N GLU B 559 -15.37 18.71 -22.29
CA GLU B 559 -15.68 19.17 -20.94
C GLU B 559 -16.76 18.47 -20.14
N GLU B 560 -17.61 17.68 -20.79
CA GLU B 560 -18.62 16.99 -20.01
C GLU B 560 -17.99 15.74 -19.41
N GLU B 561 -16.72 15.50 -19.76
CA GLU B 561 -15.98 14.37 -19.22
C GLU B 561 -15.11 14.83 -18.05
N TRP B 562 -15.00 16.14 -17.88
CA TRP B 562 -14.21 16.72 -16.80
C TRP B 562 -14.94 16.65 -15.47
N ASP B 563 -14.19 16.60 -14.38
CA ASP B 563 -14.78 16.60 -13.05
C ASP B 563 -14.64 18.07 -12.67
N GLN B 564 -15.75 18.80 -12.77
CA GLN B 564 -15.78 20.21 -12.48
C GLN B 564 -15.43 20.56 -11.03
N ARG B 565 -15.66 19.64 -10.10
CA ARG B 565 -15.32 19.93 -8.71
C ARG B 565 -13.80 19.99 -8.54
N ILE B 566 -13.10 18.97 -9.01
CA ILE B 566 -11.65 18.98 -8.89
C ILE B 566 -11.08 20.20 -9.62
N LEU B 567 -11.66 20.55 -10.77
CA LEU B 567 -11.17 21.72 -11.51
C LEU B 567 -11.35 23.01 -10.71
N GLU B 568 -12.52 23.19 -10.09
CA GLU B 568 -12.78 24.38 -9.28
C GLU B 568 -11.77 24.43 -8.16
N ILE B 569 -11.68 23.33 -7.41
CA ILE B 569 -10.77 23.23 -6.28
C ILE B 569 -9.32 23.44 -6.70
N THR B 570 -8.91 22.89 -7.83
CA THR B 570 -7.53 23.08 -8.25
C THR B 570 -7.24 24.55 -8.55
N LYS B 571 -8.19 25.23 -9.20
CA LYS B 571 -8.02 26.64 -9.51
C LYS B 571 -7.91 27.46 -8.23
N THR B 572 -8.78 27.16 -7.27
CA THR B 572 -8.76 27.86 -5.98
C THR B 572 -7.41 27.73 -5.27
N LEU B 573 -6.90 26.51 -5.16
CA LEU B 573 -5.61 26.29 -4.49
C LEU B 573 -4.46 26.96 -5.24
N VAL B 574 -4.47 26.84 -6.57
CA VAL B 574 -3.42 27.46 -7.36
C VAL B 574 -3.43 28.96 -7.12
N LYS B 575 -4.62 29.54 -7.07
CA LYS B 575 -4.76 30.98 -6.84
C LYS B 575 -4.33 31.37 -5.43
N ILE B 576 -4.79 30.61 -4.44
CA ILE B 576 -4.44 30.88 -3.05
C ILE B 576 -2.91 30.83 -2.87
N ARG B 577 -2.28 29.84 -3.48
CA ARG B 577 -0.83 29.69 -3.39
C ARG B 577 -0.05 30.89 -3.93
N LYS B 578 -0.31 31.24 -5.20
CA LYS B 578 0.40 32.34 -5.84
C LYS B 578 0.26 33.70 -5.18
N ASN B 579 -0.80 33.89 -4.40
CA ASN B 579 -1.04 35.17 -3.76
C ASN B 579 -0.91 35.18 -2.24
N ASN B 580 -0.23 34.20 -1.67
CA ASN B 580 -0.08 34.16 -0.23
C ASN B 580 1.38 34.05 0.17
N LYS B 581 1.96 35.16 0.61
CA LYS B 581 3.37 35.19 1.03
C LYS B 581 3.78 34.11 2.03
N ALA B 582 2.92 33.82 3.01
CA ALA B 582 3.26 32.79 3.99
C ALA B 582 3.40 31.41 3.32
N LEU B 583 2.53 31.11 2.36
CA LEU B 583 2.60 29.83 1.67
C LEU B 583 3.80 29.80 0.73
N LEU B 584 4.18 30.96 0.20
CA LEU B 584 5.29 31.08 -0.74
C LEU B 584 6.70 31.11 -0.11
N PHE B 585 6.87 31.86 0.97
CA PHE B 585 8.17 32.02 1.60
C PHE B 585 8.24 31.59 3.07
N GLY B 586 7.08 31.36 3.65
CA GLY B 586 7.01 31.01 5.07
C GLY B 586 7.65 29.74 5.58
N ASN B 587 8.12 29.80 6.82
CA ASN B 587 8.71 28.62 7.44
C ASN B 587 7.57 27.67 7.78
N PHE B 588 7.89 26.49 8.29
CA PHE B 588 6.88 25.49 8.59
C PHE B 588 6.82 25.17 10.08
N VAL B 589 5.65 25.41 10.68
CA VAL B 589 5.47 25.15 12.10
C VAL B 589 4.40 24.12 12.37
N PRO B 590 4.79 22.92 12.82
CA PRO B 590 3.81 21.88 13.11
C PRO B 590 3.00 22.30 14.33
N VAL B 591 1.68 22.34 14.23
CA VAL B 591 0.86 22.72 15.37
C VAL B 591 0.37 21.42 16.02
N LYS B 592 -0.13 20.50 15.20
CA LYS B 592 -0.59 19.23 15.72
C LYS B 592 -0.69 18.13 14.66
N PHE B 593 0.04 17.05 14.88
CA PHE B 593 0.04 15.90 13.97
C PHE B 593 -0.28 14.66 14.78
N LYS B 594 -1.48 14.11 14.61
CA LYS B 594 -1.84 12.92 15.37
C LYS B 594 -2.78 12.02 14.57
N ARG B 595 -2.40 10.75 14.49
CA ARG B 595 -3.15 9.73 13.77
C ARG B 595 -3.35 10.09 12.30
N LYS B 596 -4.54 10.55 11.96
CA LYS B 596 -4.85 10.91 10.57
C LYS B 596 -5.19 12.38 10.40
N PHE B 597 -4.84 13.18 11.40
CA PHE B 597 -5.11 14.60 11.39
C PHE B 597 -3.82 15.41 11.48
N MET B 598 -3.74 16.49 10.72
CA MET B 598 -2.57 17.33 10.79
C MET B 598 -2.96 18.79 10.67
N VAL B 599 -2.25 19.63 11.40
CA VAL B 599 -2.47 21.06 11.33
C VAL B 599 -1.11 21.73 11.47
N TYR B 600 -0.80 22.61 10.53
CA TYR B 600 0.47 23.30 10.56
C TYR B 600 0.31 24.77 10.18
N LYS B 601 1.38 25.51 10.38
CA LYS B 601 1.36 26.93 10.09
C LYS B 601 2.57 27.33 9.26
N ARG B 602 2.34 28.26 8.33
CA ARG B 602 3.40 28.80 7.49
C ARG B 602 3.50 30.25 7.96
N GLU B 603 4.71 30.74 8.24
CA GLU B 603 4.85 32.13 8.71
C GLU B 603 5.90 32.95 7.96
N HIS B 604 5.54 34.19 7.64
CA HIS B 604 6.44 35.08 6.94
C HIS B 604 6.17 36.54 7.30
N MET B 605 7.21 37.24 7.74
CA MET B 605 7.10 38.65 8.10
C MET B 605 5.80 39.02 8.79
N GLY B 606 5.46 38.31 9.86
CA GLY B 606 4.24 38.63 10.59
C GLY B 606 2.96 38.03 10.05
N GLU B 607 2.97 37.55 8.81
CA GLU B 607 1.77 36.94 8.25
C GLU B 607 1.78 35.45 8.54
N ARG B 608 0.59 34.87 8.66
CA ARG B 608 0.47 33.45 8.95
C ARG B 608 -0.71 32.83 8.23
N THR B 609 -0.51 31.62 7.71
CA THR B 609 -1.57 30.87 7.04
C THR B 609 -1.54 29.52 7.74
N ILE B 610 -2.69 29.13 8.28
CA ILE B 610 -2.80 27.87 9.01
C ILE B 610 -3.53 26.87 8.14
N VAL B 611 -3.01 25.64 8.12
CA VAL B 611 -3.59 24.59 7.30
C VAL B 611 -3.87 23.33 8.10
N ALA B 612 -5.14 22.93 8.11
CA ALA B 612 -5.52 21.73 8.81
C ALA B 612 -6.08 20.75 7.79
N ILE B 613 -5.69 19.49 7.90
CA ILE B 613 -6.19 18.46 6.99
C ILE B 613 -6.69 17.29 7.81
N ASN B 614 -7.97 16.97 7.65
CA ASN B 614 -8.56 15.84 8.37
C ASN B 614 -8.64 14.67 7.39
N TYR B 615 -7.65 13.78 7.45
CA TYR B 615 -7.60 12.65 6.54
C TYR B 615 -8.24 11.39 7.13
N SER B 616 -9.44 11.53 7.67
CA SER B 616 -10.15 10.40 8.25
C SER B 616 -11.59 10.46 7.76
N ASN B 617 -12.34 9.38 7.94
CA ASN B 617 -13.72 9.35 7.47
C ASN B 617 -14.74 9.86 8.47
N SER B 618 -14.30 10.56 9.51
CA SER B 618 -15.22 11.11 10.51
C SER B 618 -14.79 12.48 10.98
N ARG B 619 -15.77 13.35 11.23
CA ARG B 619 -15.54 14.70 11.69
C ARG B 619 -14.61 14.74 12.90
N VAL B 620 -13.78 15.76 12.98
CA VAL B 620 -12.85 15.90 14.09
C VAL B 620 -12.95 17.32 14.65
N LYS B 621 -13.04 17.44 15.97
CA LYS B 621 -13.12 18.75 16.59
C LYS B 621 -11.72 19.19 16.99
N GLU B 622 -11.22 20.21 16.30
CA GLU B 622 -9.90 20.73 16.58
C GLU B 622 -9.91 22.20 16.21
N LEU B 623 -9.05 22.99 16.87
CA LEU B 623 -8.98 24.42 16.59
C LEU B 623 -10.33 25.08 16.92
N GLY B 624 -11.02 24.54 17.93
CA GLY B 624 -12.30 25.11 18.32
C GLY B 624 -13.42 24.94 17.31
N ILE B 625 -13.11 24.35 16.16
CA ILE B 625 -14.10 24.13 15.12
C ILE B 625 -14.28 22.64 14.89
N THR B 626 -15.15 22.29 13.94
CA THR B 626 -15.40 20.91 13.60
C THR B 626 -15.02 20.70 12.12
N ILE B 627 -13.84 20.12 11.91
CA ILE B 627 -13.35 19.88 10.54
C ILE B 627 -13.95 18.61 9.95
N PRO B 628 -14.73 18.77 8.86
CA PRO B 628 -15.38 17.64 8.19
C PRO B 628 -14.41 16.52 7.82
N GLU B 629 -14.95 15.32 7.63
CA GLU B 629 -14.16 14.18 7.24
C GLU B 629 -13.50 14.47 5.89
N TYR B 630 -12.30 13.93 5.69
CA TYR B 630 -11.54 14.11 4.47
C TYR B 630 -11.71 15.49 3.85
N SER B 631 -11.18 16.49 4.54
CA SER B 631 -11.25 17.84 4.04
C SER B 631 -10.12 18.64 4.64
N GLY B 632 -9.80 19.76 4.00
CA GLY B 632 -8.76 20.63 4.49
C GLY B 632 -9.33 22.00 4.76
N VAL B 633 -8.67 22.75 5.63
CA VAL B 633 -9.13 24.10 5.94
C VAL B 633 -7.93 25.03 5.87
N ILE B 634 -8.07 26.12 5.11
CA ILE B 634 -6.99 27.08 4.96
C ILE B 634 -7.38 28.39 5.64
N ILE B 635 -6.72 28.68 6.76
CA ILE B 635 -6.96 29.87 7.54
C ILE B 635 -5.84 30.90 7.39
N ASN B 636 -6.23 32.14 7.14
CA ASN B 636 -5.26 33.22 7.03
C ASN B 636 -5.98 34.54 7.28
N GLU B 637 -5.25 35.65 7.13
CA GLU B 637 -5.85 36.95 7.35
C GLU B 637 -7.15 37.04 6.56
N ASP B 638 -8.20 37.48 7.23
CA ASP B 638 -9.52 37.63 6.64
C ASP B 638 -9.99 36.47 5.76
N LYS B 639 -9.94 35.24 6.27
CA LYS B 639 -10.40 34.10 5.47
C LYS B 639 -10.29 32.82 6.30
N VAL B 640 -11.28 31.96 6.11
CA VAL B 640 -11.35 30.65 6.76
C VAL B 640 -11.96 29.85 5.61
N LYS B 641 -11.11 29.21 4.81
CA LYS B 641 -11.58 28.47 3.65
C LYS B 641 -11.65 26.95 3.80
N LEU B 642 -12.81 26.41 3.47
CA LEU B 642 -13.03 24.97 3.52
C LEU B 642 -12.69 24.41 2.14
N ILE B 643 -11.96 23.30 2.13
CA ILE B 643 -11.59 22.68 0.88
C ILE B 643 -12.00 21.22 0.92
N LYS B 644 -13.12 20.89 0.28
CA LYS B 644 -13.58 19.51 0.24
C LYS B 644 -14.38 19.23 -1.02
N TYR B 645 -14.24 18.02 -1.54
CA TYR B 645 -14.91 17.61 -2.77
C TYR B 645 -16.42 17.88 -2.78
#